data_1JUI
#
_entry.id   1JUI
#
_cell.length_a   102.97
_cell.length_b   118.33
_cell.length_c   253.60
_cell.angle_alpha   90.00
_cell.angle_beta   90.00
_cell.angle_gamma   90.00
#
_symmetry.space_group_name_H-M   'C 2 2 21'
#
loop_
_entity.id
_entity.type
_entity.pdbx_description
1 polymer Concanavalin-Br
2 polymer '10-mer Peptide'
3 non-polymer 'MANGANESE (II) ION'
4 non-polymer 'CALCIUM ION'
5 water water
#
loop_
_entity_poly.entity_id
_entity_poly.type
_entity_poly.pdbx_seq_one_letter_code
_entity_poly.pdbx_strand_id
1 'polypeptide(L)'
;ADTIVAVELDTYPNTDIGDPSYPHIGIDIKSVRSKKTAKWNMQNGKVGTAHIIYNSVDKRLSAVVSYPNADSATVSYDVD
LDNVLPEWVRVGLSASTGLYKETNTILSWSFTSKLKSNSTHETNALHFMFNQFSKDQKDLILQGDATTGTDGNLELTRVS
SNGSPQGSSVGRALFYAPVHIWESSAVVASFEATFTFLIKSPDSHPADGIAFFISNIDSSIPSGSTGRLLGLFPDAN
;
A,B,C,D
2 'polypeptide(L)' MYWYPYASGS P,Q,R,S
#
# COMPACT_ATOMS: atom_id res chain seq x y z
N ALA A 1 -9.00 69.15 -39.83
CA ALA A 1 -8.54 68.11 -38.87
C ALA A 1 -9.28 66.80 -39.09
N ASP A 2 -9.71 66.17 -38.01
CA ASP A 2 -10.43 64.91 -38.10
C ASP A 2 -11.90 65.07 -37.72
N THR A 3 -12.75 64.24 -38.31
CA THR A 3 -14.17 64.26 -37.98
C THR A 3 -14.32 63.07 -37.04
N ILE A 4 -14.72 63.34 -35.80
CA ILE A 4 -14.84 62.29 -34.82
C ILE A 4 -16.24 62.16 -34.26
N VAL A 5 -16.59 60.93 -33.90
CA VAL A 5 -17.86 60.63 -33.27
C VAL A 5 -17.42 59.59 -32.25
N ALA A 6 -17.74 59.81 -30.99
CA ALA A 6 -17.30 58.86 -29.99
C ALA A 6 -18.20 58.66 -28.78
N VAL A 7 -18.10 57.48 -28.21
CA VAL A 7 -18.83 57.17 -27.01
C VAL A 7 -17.68 57.02 -26.02
N GLU A 8 -17.61 57.93 -25.05
CA GLU A 8 -16.52 57.92 -24.09
C GLU A 8 -16.90 57.34 -22.73
N LEU A 9 -15.93 56.71 -22.08
CA LEU A 9 -16.10 56.18 -20.73
C LEU A 9 -15.14 57.09 -19.95
N ASP A 10 -15.64 58.25 -19.54
CA ASP A 10 -14.86 59.26 -18.84
C ASP A 10 -14.73 58.97 -17.35
N THR A 11 -13.54 58.59 -16.92
CA THR A 11 -13.31 58.26 -15.52
C THR A 11 -13.03 59.45 -14.59
N TYR A 12 -12.53 60.55 -15.14
CA TYR A 12 -12.21 61.72 -14.33
C TYR A 12 -13.04 62.95 -14.71
N PRO A 13 -13.66 63.60 -13.71
CA PRO A 13 -14.50 64.80 -13.91
C PRO A 13 -13.75 66.11 -14.13
N ASN A 14 -13.75 66.59 -15.36
CA ASN A 14 -13.08 67.83 -15.71
C ASN A 14 -14.15 68.91 -15.86
N THR A 15 -14.71 69.31 -14.73
CA THR A 15 -15.76 70.31 -14.75
C THR A 15 -15.34 71.59 -15.46
N ASP A 16 -14.03 71.82 -15.55
CA ASP A 16 -13.53 73.02 -16.22
C ASP A 16 -13.80 73.04 -17.72
N ILE A 17 -14.35 71.94 -18.26
CA ILE A 17 -14.65 71.87 -19.68
C ILE A 17 -15.97 71.18 -20.00
N GLY A 18 -16.89 71.15 -19.04
CA GLY A 18 -18.19 70.56 -19.27
C GLY A 18 -18.54 69.25 -18.58
N ASP A 19 -17.53 68.50 -18.17
CA ASP A 19 -17.77 67.21 -17.51
C ASP A 19 -18.65 67.29 -16.28
N PRO A 20 -19.69 66.46 -16.21
CA PRO A 20 -20.52 66.54 -14.99
C PRO A 20 -19.58 66.14 -13.85
N SER A 21 -19.85 66.55 -12.62
CA SER A 21 -18.93 66.22 -11.53
C SER A 21 -19.02 64.80 -10.98
N TYR A 22 -18.71 63.83 -11.84
CA TYR A 22 -18.72 62.41 -11.49
C TYR A 22 -18.39 61.58 -12.72
N PRO A 23 -17.87 60.36 -12.51
CA PRO A 23 -17.55 59.48 -13.64
C PRO A 23 -18.78 59.33 -14.50
N HIS A 24 -18.59 59.31 -15.82
CA HIS A 24 -19.74 59.20 -16.68
C HIS A 24 -19.42 58.63 -18.05
N ILE A 25 -20.47 58.34 -18.81
CA ILE A 25 -20.35 57.86 -20.18
C ILE A 25 -21.04 58.95 -20.99
N GLY A 26 -20.50 59.24 -22.16
CA GLY A 26 -21.09 60.27 -22.98
C GLY A 26 -20.95 60.06 -24.47
N ILE A 27 -21.68 60.88 -25.21
CA ILE A 27 -21.67 60.81 -26.66
C ILE A 27 -21.12 62.11 -27.21
N ASP A 28 -19.95 62.03 -27.85
CA ASP A 28 -19.31 63.22 -28.40
C ASP A 28 -19.42 63.31 -29.91
N ILE A 29 -19.79 64.48 -30.39
CA ILE A 29 -19.91 64.68 -31.81
C ILE A 29 -18.98 65.82 -32.22
N LYS A 30 -17.79 65.46 -32.67
CA LYS A 30 -16.80 66.43 -33.10
C LYS A 30 -16.36 67.35 -31.99
N SER A 31 -16.55 66.95 -30.74
CA SER A 31 -16.13 67.76 -29.60
C SER A 31 -16.05 66.96 -28.31
N VAL A 32 -15.04 67.24 -27.48
CA VAL A 32 -14.90 66.53 -26.21
C VAL A 32 -16.03 66.95 -25.26
N ARG A 33 -16.79 67.99 -25.63
CA ARG A 33 -17.92 68.45 -24.81
C ARG A 33 -19.17 67.66 -25.17
N SER A 34 -19.34 66.51 -24.52
CA SER A 34 -20.46 65.61 -24.76
C SER A 34 -21.80 66.25 -25.04
N LYS A 35 -22.49 65.79 -26.08
CA LYS A 35 -23.80 66.31 -26.40
C LYS A 35 -24.79 65.77 -25.36
N LYS A 36 -24.43 64.67 -24.71
CA LYS A 36 -25.27 64.07 -23.70
C LYS A 36 -24.45 63.09 -22.86
N THR A 37 -24.68 63.08 -21.56
CA THR A 37 -23.96 62.19 -20.65
C THR A 37 -24.90 61.44 -19.71
N ALA A 38 -24.34 60.56 -18.89
CA ALA A 38 -25.11 59.77 -17.93
C ALA A 38 -24.18 59.32 -16.81
N LYS A 39 -24.66 59.37 -15.57
CA LYS A 39 -23.81 58.94 -14.45
C LYS A 39 -23.34 57.49 -14.67
N TRP A 40 -22.11 57.21 -14.27
CA TRP A 40 -21.56 55.87 -14.43
C TRP A 40 -20.81 55.44 -13.18
N ASN A 41 -21.28 54.36 -12.54
CA ASN A 41 -20.64 53.85 -11.33
C ASN A 41 -19.46 52.99 -11.69
N MET A 42 -18.43 53.63 -12.21
CA MET A 42 -17.20 52.92 -12.56
C MET A 42 -16.74 52.07 -11.39
N GLN A 43 -16.18 50.90 -11.66
CA GLN A 43 -15.70 50.02 -10.60
C GLN A 43 -14.26 49.61 -10.82
N ASN A 44 -13.37 50.25 -10.06
CA ASN A 44 -11.93 50.01 -10.14
C ASN A 44 -11.62 48.52 -9.99
N GLY A 45 -10.91 47.95 -10.96
CA GLY A 45 -10.52 46.56 -10.88
C GLY A 45 -11.47 45.51 -11.45
N LYS A 46 -12.71 45.89 -11.71
CA LYS A 46 -13.69 44.95 -12.24
C LYS A 46 -13.74 44.99 -13.78
N VAL A 47 -13.92 43.83 -14.40
CA VAL A 47 -14.04 43.77 -15.85
C VAL A 47 -15.45 44.21 -16.21
N GLY A 48 -15.56 45.17 -17.14
CA GLY A 48 -16.85 45.67 -17.57
C GLY A 48 -17.13 45.42 -19.03
N THR A 49 -18.33 45.80 -19.47
CA THR A 49 -18.72 45.62 -20.86
C THR A 49 -19.40 46.85 -21.41
N ALA A 50 -19.07 47.19 -22.66
CA ALA A 50 -19.67 48.34 -23.33
C ALA A 50 -20.34 47.84 -24.60
N HIS A 51 -21.53 48.37 -24.86
CA HIS A 51 -22.34 48.00 -26.00
C HIS A 51 -22.85 49.27 -26.72
N ILE A 52 -22.35 49.52 -27.94
CA ILE A 52 -22.81 50.69 -28.70
C ILE A 52 -23.63 50.23 -29.91
N ILE A 53 -24.80 50.84 -30.12
CA ILE A 53 -25.66 50.49 -31.25
C ILE A 53 -26.24 51.71 -31.97
N TYR A 54 -26.49 51.54 -33.26
CA TYR A 54 -27.01 52.60 -34.10
C TYR A 54 -27.70 52.03 -35.34
N ASN A 55 -28.83 52.63 -35.74
CA ASN A 55 -29.50 52.21 -36.96
C ASN A 55 -30.06 53.41 -37.70
N SER A 56 -30.01 53.39 -39.03
CA SER A 56 -30.47 54.51 -39.84
C SER A 56 -31.97 54.75 -39.79
N VAL A 57 -32.73 53.79 -39.28
CA VAL A 57 -34.17 53.96 -39.22
C VAL A 57 -34.52 55.00 -38.15
N ASP A 58 -34.02 54.78 -36.93
CA ASP A 58 -34.27 55.69 -35.82
C ASP A 58 -33.28 56.83 -35.76
N LYS A 59 -32.12 56.65 -36.41
CA LYS A 59 -31.08 57.67 -36.40
C LYS A 59 -30.77 58.05 -34.95
N ARG A 60 -30.64 57.05 -34.09
CA ARG A 60 -30.33 57.26 -32.68
C ARG A 60 -29.13 56.42 -32.23
N LEU A 61 -28.10 57.08 -31.73
CA LEU A 61 -26.90 56.39 -31.27
C LEU A 61 -27.05 56.11 -29.76
N SER A 62 -26.94 54.85 -29.36
CA SER A 62 -27.08 54.50 -27.93
C SER A 62 -25.94 53.65 -27.40
N ALA A 63 -25.69 53.77 -26.10
CA ALA A 63 -24.63 53.01 -25.47
C ALA A 63 -25.03 52.48 -24.10
N VAL A 64 -24.57 51.27 -23.78
CA VAL A 64 -24.85 50.65 -22.50
C VAL A 64 -23.51 50.21 -21.94
N VAL A 65 -23.25 50.52 -20.66
CA VAL A 65 -22.01 50.10 -20.04
C VAL A 65 -22.39 49.50 -18.71
N SER A 66 -21.95 48.28 -18.45
CA SER A 66 -22.32 47.64 -17.18
C SER A 66 -21.28 46.67 -16.64
N TYR A 67 -21.49 46.32 -15.38
CA TYR A 67 -20.64 45.38 -14.68
C TYR A 67 -21.54 44.23 -14.22
N PRO A 68 -21.00 43.00 -14.16
CA PRO A 68 -21.79 41.85 -13.73
C PRO A 68 -22.52 42.11 -12.42
N ASN A 69 -23.77 41.66 -12.33
CA ASN A 69 -24.60 41.82 -11.13
C ASN A 69 -24.55 43.24 -10.55
N ALA A 70 -24.66 44.22 -11.43
CA ALA A 70 -24.64 45.63 -11.03
C ALA A 70 -25.58 46.33 -11.96
N ASP A 71 -25.82 47.61 -11.72
CA ASP A 71 -26.73 48.34 -12.59
C ASP A 71 -26.02 48.83 -13.85
N SER A 72 -26.80 49.23 -14.84
CA SER A 72 -26.23 49.68 -16.08
C SER A 72 -26.35 51.18 -16.22
N ALA A 73 -25.52 51.75 -17.08
CA ALA A 73 -25.59 53.18 -17.35
C ALA A 73 -25.97 53.23 -18.82
N THR A 74 -26.93 54.06 -19.18
CA THR A 74 -27.36 54.15 -20.56
C THR A 74 -27.31 55.58 -21.03
N VAL A 75 -27.11 55.77 -22.32
CA VAL A 75 -27.09 57.10 -22.89
C VAL A 75 -27.42 56.99 -24.38
N SER A 76 -28.34 57.83 -24.83
CA SER A 76 -28.77 57.85 -26.22
C SER A 76 -28.74 59.27 -26.74
N TYR A 77 -28.74 59.42 -28.05
CA TYR A 77 -28.74 60.73 -28.65
C TYR A 77 -29.20 60.64 -30.08
N ASP A 78 -30.16 61.48 -30.45
CA ASP A 78 -30.65 61.46 -31.81
C ASP A 78 -29.65 62.20 -32.66
N VAL A 79 -29.10 61.51 -33.64
CA VAL A 79 -28.13 62.11 -34.54
C VAL A 79 -28.15 61.40 -35.89
N ASP A 80 -28.11 62.20 -36.96
CA ASP A 80 -28.10 61.68 -38.32
C ASP A 80 -26.66 61.63 -38.80
N LEU A 81 -26.05 60.47 -38.68
CA LEU A 81 -24.65 60.31 -39.06
C LEU A 81 -24.35 60.62 -40.52
N ASP A 82 -25.38 60.66 -41.36
CA ASP A 82 -25.19 60.96 -42.78
C ASP A 82 -24.56 62.35 -42.90
N ASN A 83 -25.03 63.26 -42.06
CA ASN A 83 -24.57 64.64 -42.08
C ASN A 83 -23.46 64.94 -41.10
N VAL A 84 -22.68 63.93 -40.71
CA VAL A 84 -21.61 64.18 -39.76
C VAL A 84 -20.34 63.47 -40.19
N LEU A 85 -20.50 62.27 -40.71
CA LEU A 85 -19.37 61.47 -41.12
C LEU A 85 -19.32 61.25 -42.60
N PRO A 86 -18.11 61.05 -43.15
CA PRO A 86 -17.97 60.81 -44.58
C PRO A 86 -18.52 59.38 -44.76
N GLU A 87 -18.78 58.93 -45.97
CA GLU A 87 -19.35 57.59 -46.07
C GLU A 87 -18.36 56.47 -45.77
N TRP A 88 -17.07 56.74 -45.92
CA TRP A 88 -16.07 55.73 -45.59
C TRP A 88 -15.28 56.20 -44.37
N VAL A 89 -15.31 55.39 -43.31
CA VAL A 89 -14.64 55.73 -42.07
C VAL A 89 -13.84 54.56 -41.54
N ARG A 90 -13.16 54.80 -40.42
CA ARG A 90 -12.36 53.78 -39.75
C ARG A 90 -12.85 53.75 -38.31
N VAL A 91 -12.92 52.58 -37.70
CA VAL A 91 -13.40 52.48 -36.33
C VAL A 91 -12.27 52.06 -35.40
N GLY A 92 -12.33 52.50 -34.14
CA GLY A 92 -11.29 52.14 -33.21
C GLY A 92 -11.55 52.45 -31.75
N LEU A 93 -10.58 52.11 -30.92
CA LEU A 93 -10.63 52.36 -29.49
C LEU A 93 -9.48 53.30 -29.10
N SER A 94 -9.78 54.24 -28.23
CA SER A 94 -8.81 55.21 -27.78
C SER A 94 -8.83 55.31 -26.26
N ALA A 95 -7.71 55.72 -25.66
CA ALA A 95 -7.65 55.85 -24.19
C ALA A 95 -6.46 56.73 -23.80
N SER A 96 -6.44 57.17 -22.55
CA SER A 96 -5.34 58.02 -22.12
C SER A 96 -5.33 58.23 -20.63
N THR A 97 -4.22 58.82 -20.17
CA THR A 97 -4.00 59.15 -18.76
C THR A 97 -3.34 60.54 -18.76
N GLY A 98 -3.28 61.18 -17.60
CA GLY A 98 -2.68 62.49 -17.46
C GLY A 98 -1.86 62.55 -16.19
N LEU A 99 -2.27 63.38 -15.24
CA LEU A 99 -1.58 63.47 -13.96
C LEU A 99 -1.92 62.17 -13.23
N TYR A 100 -3.20 61.80 -13.28
CA TYR A 100 -3.66 60.56 -12.67
C TYR A 100 -3.67 59.49 -13.75
N LYS A 101 -3.54 58.22 -13.36
CA LYS A 101 -3.54 57.16 -14.36
C LYS A 101 -4.40 55.98 -14.00
N GLU A 102 -4.56 55.09 -14.96
CA GLU A 102 -5.36 53.88 -14.80
C GLU A 102 -4.92 52.98 -15.95
N THR A 103 -5.20 51.70 -15.85
CA THR A 103 -4.87 50.79 -16.94
C THR A 103 -6.07 50.82 -17.84
N ASN A 104 -5.84 50.84 -19.14
CA ASN A 104 -6.92 50.83 -20.12
C ASN A 104 -6.79 49.57 -20.97
N THR A 105 -7.15 48.46 -20.35
CA THR A 105 -7.06 47.14 -20.97
C THR A 105 -8.34 46.68 -21.69
N ILE A 106 -8.17 46.23 -22.93
CA ILE A 106 -9.29 45.74 -23.71
C ILE A 106 -9.11 44.23 -23.80
N LEU A 107 -10.08 43.49 -23.30
CA LEU A 107 -10.02 42.03 -23.30
C LEU A 107 -10.64 41.40 -24.54
N SER A 108 -11.56 42.12 -25.17
CA SER A 108 -12.19 41.64 -26.38
C SER A 108 -12.91 42.80 -27.07
N TRP A 109 -13.09 42.69 -28.37
CA TRP A 109 -13.72 43.75 -29.12
C TRP A 109 -14.32 43.17 -30.39
N SER A 110 -15.57 43.51 -30.66
CA SER A 110 -16.22 43.02 -31.86
C SER A 110 -17.00 44.15 -32.50
N PHE A 111 -17.24 44.05 -33.80
CA PHE A 111 -17.96 45.09 -34.51
C PHE A 111 -18.72 44.45 -35.66
N THR A 112 -19.91 44.98 -35.95
CA THR A 112 -20.72 44.49 -37.05
C THR A 112 -21.34 45.67 -37.74
N SER A 113 -21.29 45.65 -39.07
CA SER A 113 -21.84 46.72 -39.87
C SER A 113 -22.64 46.13 -41.03
N LYS A 114 -23.85 46.63 -41.24
CA LYS A 114 -24.70 46.14 -42.33
C LYS A 114 -25.29 47.29 -43.12
N LEU A 115 -25.19 47.19 -44.44
CA LEU A 115 -25.70 48.21 -45.31
C LEU A 115 -26.68 47.57 -46.29
N LYS A 116 -27.97 47.83 -46.11
CA LYS A 116 -28.99 47.25 -46.99
C LYS A 116 -29.32 48.24 -48.09
N SER A 117 -28.79 48.02 -49.29
CA SER A 117 -29.04 48.93 -50.39
C SER A 117 -30.46 48.77 -50.94
N ASN A 118 -30.91 49.78 -51.67
CA ASN A 118 -32.25 49.76 -52.24
C ASN A 118 -32.31 48.83 -53.45
N SER A 119 -32.37 47.53 -53.16
CA SER A 119 -32.44 46.47 -54.16
C SER A 119 -32.88 45.19 -53.44
N THR A 120 -33.68 44.39 -54.13
CA THR A 120 -34.23 43.13 -53.59
C THR A 120 -33.27 42.36 -52.68
N HIS A 121 -33.23 42.75 -51.40
CA HIS A 121 -32.38 42.11 -50.40
C HIS A 121 -30.91 42.08 -50.82
N GLU A 122 -30.31 43.26 -50.91
CA GLU A 122 -28.90 43.37 -51.29
C GLU A 122 -28.14 44.00 -50.13
N THR A 123 -27.59 43.14 -49.27
CA THR A 123 -26.86 43.60 -48.09
C THR A 123 -25.35 43.44 -48.16
N ASN A 124 -24.64 44.48 -47.74
CA ASN A 124 -23.20 44.45 -47.67
C ASN A 124 -22.94 44.43 -46.16
N ALA A 125 -21.99 43.62 -45.71
CA ALA A 125 -21.73 43.53 -44.28
C ALA A 125 -20.28 43.28 -43.91
N LEU A 126 -19.89 43.79 -42.75
CA LEU A 126 -18.55 43.59 -42.26
C LEU A 126 -18.68 43.18 -40.81
N HIS A 127 -17.87 42.22 -40.37
CA HIS A 127 -17.90 41.75 -38.99
C HIS A 127 -16.56 41.20 -38.56
N PHE A 128 -16.06 41.69 -37.43
CA PHE A 128 -14.81 41.16 -36.91
C PHE A 128 -14.99 40.99 -35.41
N MET A 129 -14.33 39.98 -34.85
CA MET A 129 -14.40 39.70 -33.44
C MET A 129 -13.03 39.30 -32.92
N PHE A 130 -12.53 40.04 -31.94
CA PHE A 130 -11.23 39.79 -31.35
C PHE A 130 -11.44 39.29 -29.93
N ASN A 131 -11.11 38.04 -29.65
CA ASN A 131 -11.26 37.56 -28.28
C ASN A 131 -9.91 37.49 -27.62
N GLN A 132 -8.87 37.60 -28.43
CA GLN A 132 -7.53 37.59 -27.92
C GLN A 132 -6.60 38.20 -28.96
N PHE A 133 -5.80 39.17 -28.52
CA PHE A 133 -4.89 39.87 -29.40
C PHE A 133 -3.49 39.25 -29.32
N SER A 134 -2.80 39.17 -30.45
CA SER A 134 -1.45 38.60 -30.47
C SER A 134 -0.40 39.71 -30.55
N LYS A 135 0.87 39.36 -30.36
CA LYS A 135 1.96 40.33 -30.41
C LYS A 135 2.01 41.06 -31.75
N ASP A 136 1.66 40.35 -32.83
CA ASP A 136 1.69 40.97 -34.14
C ASP A 136 0.31 40.88 -34.79
N GLN A 137 -0.57 41.80 -34.38
CA GLN A 137 -1.94 41.87 -34.87
C GLN A 137 -1.95 42.72 -36.16
N LYS A 138 -1.74 42.08 -37.30
CA LYS A 138 -1.69 42.79 -38.57
C LYS A 138 -2.98 43.42 -39.10
N ASP A 139 -4.13 43.07 -38.52
CA ASP A 139 -5.39 43.66 -38.97
C ASP A 139 -5.77 44.86 -38.10
N LEU A 140 -4.83 45.30 -37.27
CA LEU A 140 -5.04 46.45 -36.42
C LEU A 140 -3.95 47.49 -36.64
N ILE A 141 -4.32 48.76 -36.52
CA ILE A 141 -3.38 49.85 -36.65
C ILE A 141 -3.20 50.42 -35.26
N LEU A 142 -2.04 50.21 -34.67
CA LEU A 142 -1.77 50.72 -33.34
C LEU A 142 -1.09 52.08 -33.43
N GLN A 143 -1.62 53.06 -32.69
CA GLN A 143 -1.08 54.41 -32.67
C GLN A 143 -0.70 54.77 -31.24
N GLY A 144 0.22 55.73 -31.09
CA GLY A 144 0.62 56.15 -29.76
C GLY A 144 1.23 55.02 -28.95
N ASP A 145 0.86 54.94 -27.67
CA ASP A 145 1.39 53.91 -26.78
C ASP A 145 0.72 52.55 -26.77
N ALA A 146 -0.25 52.35 -27.67
CA ALA A 146 -0.99 51.09 -27.79
C ALA A 146 -0.10 49.90 -28.13
N THR A 147 -0.37 48.76 -27.49
CA THR A 147 0.41 47.55 -27.72
C THR A 147 -0.50 46.33 -27.51
N THR A 148 -0.14 45.21 -28.13
CA THR A 148 -0.91 43.98 -27.99
C THR A 148 0.04 42.82 -27.73
N GLY A 149 -0.44 41.81 -27.01
CA GLY A 149 0.41 40.67 -26.74
C GLY A 149 0.37 40.10 -25.33
N THR A 150 0.41 40.97 -24.32
CA THR A 150 0.40 40.50 -22.93
C THR A 150 -0.94 39.89 -22.50
N ASP A 151 -0.90 38.62 -22.11
CA ASP A 151 -2.10 37.89 -21.71
C ASP A 151 -3.11 37.84 -22.84
N GLY A 152 -2.68 38.26 -24.03
CA GLY A 152 -3.57 38.26 -25.17
C GLY A 152 -4.58 39.38 -25.12
N ASN A 153 -4.17 40.50 -24.54
CA ASN A 153 -5.04 41.67 -24.42
C ASN A 153 -4.46 42.83 -25.21
N LEU A 154 -5.26 43.87 -25.35
CA LEU A 154 -4.85 45.09 -26.03
C LEU A 154 -4.69 46.13 -24.93
N GLU A 155 -3.46 46.60 -24.71
CA GLU A 155 -3.23 47.62 -23.68
C GLU A 155 -3.14 48.95 -24.44
N LEU A 156 -4.18 49.76 -24.32
CA LEU A 156 -4.23 51.04 -25.01
C LEU A 156 -3.20 52.08 -24.56
N THR A 157 -2.90 52.13 -23.26
CA THR A 157 -1.92 53.08 -22.75
C THR A 157 -0.76 52.36 -22.06
N ARG A 158 0.36 53.06 -21.86
CA ARG A 158 1.56 52.49 -21.24
C ARG A 158 1.34 51.81 -19.89
N VAL A 159 2.01 50.66 -19.73
CA VAL A 159 1.94 49.90 -18.50
C VAL A 159 3.35 49.38 -18.20
N SER A 160 3.79 49.54 -16.95
CA SER A 160 5.12 49.08 -16.57
C SER A 160 5.21 47.56 -16.63
N SER A 161 6.44 47.06 -16.58
CA SER A 161 6.69 45.62 -16.63
C SER A 161 5.93 44.87 -15.54
N ASN A 162 5.79 45.50 -14.37
CA ASN A 162 5.09 44.87 -13.25
C ASN A 162 3.58 44.99 -13.37
N GLY A 163 3.12 45.93 -14.18
CA GLY A 163 1.68 46.11 -14.37
C GLY A 163 1.10 47.44 -13.92
N SER A 164 1.95 48.40 -13.58
CA SER A 164 1.48 49.71 -13.13
C SER A 164 1.26 50.66 -14.29
N PRO A 165 0.10 51.32 -14.32
CA PRO A 165 -0.18 52.26 -15.41
C PRO A 165 0.77 53.45 -15.32
N GLN A 166 1.02 54.12 -16.45
CA GLN A 166 1.90 55.28 -16.44
C GLN A 166 1.10 56.54 -16.78
N GLY A 167 1.52 57.68 -16.24
CA GLY A 167 0.84 58.92 -16.52
C GLY A 167 1.22 59.45 -17.90
N SER A 168 0.49 60.47 -18.34
CA SER A 168 0.73 61.08 -19.65
C SER A 168 0.92 60.07 -20.76
N SER A 169 -0.13 59.31 -21.06
CA SER A 169 -0.07 58.31 -22.11
C SER A 169 -1.28 58.36 -23.03
N VAL A 170 -1.07 58.11 -24.31
CA VAL A 170 -2.15 58.09 -25.29
C VAL A 170 -1.98 56.86 -26.15
N GLY A 171 -3.09 56.24 -26.51
CA GLY A 171 -3.03 55.06 -27.35
C GLY A 171 -4.33 54.86 -28.09
N ARG A 172 -4.23 54.32 -29.30
CA ARG A 172 -5.41 54.06 -30.11
C ARG A 172 -5.18 52.80 -30.92
N ALA A 173 -6.27 52.13 -31.25
CA ALA A 173 -6.23 50.92 -32.05
C ALA A 173 -7.35 51.02 -33.06
N LEU A 174 -7.04 51.03 -34.35
CA LEU A 174 -8.07 51.11 -35.37
C LEU A 174 -8.07 49.86 -36.25
N PHE A 175 -9.26 49.39 -36.62
CA PHE A 175 -9.34 48.23 -37.50
C PHE A 175 -8.79 48.66 -38.86
N TYR A 176 -7.88 47.85 -39.40
CA TYR A 176 -7.21 48.10 -40.67
C TYR A 176 -8.07 48.49 -41.88
N ALA A 177 -9.13 47.73 -42.14
CA ALA A 177 -9.96 48.01 -43.30
C ALA A 177 -10.97 49.13 -43.11
N PRO A 178 -11.16 49.97 -44.16
CA PRO A 178 -12.11 51.08 -44.09
C PRO A 178 -13.51 50.49 -43.94
N VAL A 179 -14.42 51.27 -43.38
CA VAL A 179 -15.78 50.79 -43.18
C VAL A 179 -16.75 51.71 -43.88
N HIS A 180 -17.59 51.14 -44.74
CA HIS A 180 -18.59 51.91 -45.46
C HIS A 180 -19.71 52.07 -44.45
N ILE A 181 -19.77 53.24 -43.82
CA ILE A 181 -20.74 53.51 -42.78
C ILE A 181 -22.13 53.97 -43.23
N TRP A 182 -22.22 54.66 -44.35
CA TRP A 182 -23.53 55.07 -44.85
C TRP A 182 -23.53 55.26 -46.35
N GLU A 183 -24.72 55.35 -46.93
CA GLU A 183 -24.82 55.56 -48.36
C GLU A 183 -26.07 56.37 -48.68
N SER A 184 -26.01 57.10 -49.79
CA SER A 184 -27.10 57.95 -50.24
C SER A 184 -28.48 57.29 -50.35
N SER A 185 -28.52 56.01 -50.73
CA SER A 185 -29.80 55.32 -50.89
C SER A 185 -30.03 54.08 -50.01
N ALA A 186 -29.20 53.90 -48.99
CA ALA A 186 -29.35 52.74 -48.12
C ALA A 186 -30.68 52.71 -47.37
N VAL A 187 -31.49 51.69 -47.65
CA VAL A 187 -32.79 51.53 -47.00
C VAL A 187 -32.57 51.47 -45.49
N VAL A 188 -31.58 50.69 -45.08
CA VAL A 188 -31.25 50.54 -43.68
C VAL A 188 -29.73 50.41 -43.51
N ALA A 189 -29.18 51.15 -42.54
CA ALA A 189 -27.75 51.10 -42.25
C ALA A 189 -27.70 50.97 -40.75
N SER A 190 -26.79 50.15 -40.26
CA SER A 190 -26.67 49.94 -38.82
C SER A 190 -25.36 49.28 -38.44
N PHE A 191 -24.97 49.48 -37.19
CA PHE A 191 -23.75 48.90 -36.69
C PHE A 191 -23.85 48.73 -35.20
N GLU A 192 -23.07 47.81 -34.65
CA GLU A 192 -23.05 47.61 -33.21
C GLU A 192 -21.66 47.14 -32.83
N ALA A 193 -21.08 47.79 -31.83
CA ALA A 193 -19.74 47.47 -31.37
C ALA A 193 -19.86 47.03 -29.93
N THR A 194 -18.98 46.12 -29.52
CA THR A 194 -18.97 45.61 -28.16
C THR A 194 -17.53 45.38 -27.73
N PHE A 195 -17.25 45.64 -26.46
CA PHE A 195 -15.90 45.40 -25.94
C PHE A 195 -15.91 45.34 -24.42
N THR A 196 -15.04 44.50 -23.88
CA THR A 196 -14.91 44.35 -22.43
C THR A 196 -13.59 45.01 -22.05
N PHE A 197 -13.63 45.83 -21.02
CA PHE A 197 -12.45 46.56 -20.57
C PHE A 197 -12.18 46.29 -19.11
N LEU A 198 -10.93 46.55 -18.70
CA LEU A 198 -10.54 46.37 -17.31
C LEU A 198 -9.76 47.62 -16.90
N ILE A 199 -10.38 48.50 -16.13
CA ILE A 199 -9.71 49.71 -15.68
C ILE A 199 -9.29 49.62 -14.21
N LYS A 200 -7.99 49.61 -13.97
CA LYS A 200 -7.47 49.54 -12.61
C LYS A 200 -6.59 50.75 -12.33
N SER A 201 -6.66 51.26 -11.11
CA SER A 201 -5.85 52.41 -10.74
C SER A 201 -5.26 52.23 -9.33
N PRO A 202 -3.97 52.51 -9.17
CA PRO A 202 -3.28 52.40 -7.89
C PRO A 202 -3.44 53.67 -7.05
N ASP A 203 -3.35 54.82 -7.69
CA ASP A 203 -3.49 56.09 -6.99
C ASP A 203 -4.94 56.35 -6.60
N SER A 204 -5.20 57.56 -6.11
CA SER A 204 -6.54 57.91 -5.67
C SER A 204 -7.56 57.76 -6.80
N HIS A 205 -7.93 58.87 -7.42
CA HIS A 205 -8.89 58.83 -8.50
C HIS A 205 -8.22 58.50 -9.82
N PRO A 206 -8.82 57.60 -10.61
CA PRO A 206 -8.26 57.21 -11.91
C PRO A 206 -8.59 58.23 -13.01
N ALA A 207 -7.89 58.12 -14.13
CA ALA A 207 -8.10 59.00 -15.29
C ALA A 207 -7.26 58.49 -16.47
N ASP A 208 -7.73 58.72 -17.70
CA ASP A 208 -8.77 59.71 -17.99
C ASP A 208 -9.97 59.07 -18.69
N GLY A 209 -9.79 57.85 -19.17
CA GLY A 209 -10.90 57.16 -19.82
C GLY A 209 -10.60 56.38 -21.09
N ILE A 210 -11.65 55.73 -21.58
CA ILE A 210 -11.59 54.92 -22.80
C ILE A 210 -12.72 55.39 -23.71
N ALA A 211 -12.51 55.31 -25.02
CA ALA A 211 -13.57 55.74 -25.92
C ALA A 211 -13.63 54.92 -27.19
N PHE A 212 -14.84 54.69 -27.66
CA PHE A 212 -15.01 53.98 -28.90
C PHE A 212 -15.22 55.12 -29.90
N PHE A 213 -14.51 55.10 -31.02
CA PHE A 213 -14.68 56.19 -31.98
C PHE A 213 -14.73 55.80 -33.45
N ILE A 214 -15.35 56.69 -34.22
CA ILE A 214 -15.49 56.55 -35.66
C ILE A 214 -14.88 57.83 -36.23
N SER A 215 -13.97 57.68 -37.18
CA SER A 215 -13.29 58.83 -37.76
C SER A 215 -13.00 58.70 -39.25
N ASN A 216 -12.42 59.74 -39.83
CA ASN A 216 -12.04 59.69 -41.22
C ASN A 216 -10.92 58.65 -41.27
N ILE A 217 -10.75 58.03 -42.43
CA ILE A 217 -9.76 56.98 -42.61
C ILE A 217 -8.33 57.27 -42.20
N ASP A 218 -7.82 58.45 -42.55
CA ASP A 218 -6.43 58.80 -42.25
C ASP A 218 -6.20 59.49 -40.90
N SER A 219 -7.17 59.37 -39.99
CA SER A 219 -7.08 59.98 -38.67
C SER A 219 -5.90 59.49 -37.84
N SER A 220 -5.43 60.36 -36.96
CA SER A 220 -4.31 60.04 -36.09
C SER A 220 -4.37 60.89 -34.81
N ILE A 221 -3.64 60.48 -33.78
CA ILE A 221 -3.64 61.17 -32.51
C ILE A 221 -3.17 62.61 -32.61
N PRO A 222 -4.03 63.55 -32.19
CA PRO A 222 -3.72 64.97 -32.21
C PRO A 222 -2.60 65.22 -31.20
N SER A 223 -1.80 66.25 -31.42
CA SER A 223 -0.73 66.57 -30.48
C SER A 223 -1.25 67.12 -29.15
N GLY A 224 -0.73 66.58 -28.05
CA GLY A 224 -1.13 67.00 -26.73
C GLY A 224 -2.50 66.53 -26.31
N SER A 225 -3.05 65.54 -27.01
CA SER A 225 -4.37 65.06 -26.66
C SER A 225 -4.36 64.00 -25.57
N THR A 226 -3.40 64.10 -24.65
CA THR A 226 -3.33 63.16 -23.53
C THR A 226 -4.30 63.70 -22.49
N GLY A 227 -4.42 63.00 -21.36
CA GLY A 227 -5.33 63.46 -20.33
C GLY A 227 -6.79 63.65 -20.73
N ARG A 228 -7.36 64.77 -20.28
CA ARG A 228 -8.76 65.11 -20.53
C ARG A 228 -9.23 65.00 -21.98
N LEU A 229 -8.30 65.03 -22.93
CA LEU A 229 -8.71 64.98 -24.32
C LEU A 229 -8.88 63.58 -24.93
N LEU A 230 -8.66 62.56 -24.11
CA LEU A 230 -8.85 61.16 -24.53
C LEU A 230 -8.19 60.74 -25.84
N GLY A 231 -7.18 61.49 -26.30
CA GLY A 231 -6.51 61.15 -27.54
C GLY A 231 -7.41 61.30 -28.76
N LEU A 232 -8.50 62.04 -28.61
CA LEU A 232 -9.44 62.24 -29.69
C LEU A 232 -9.52 63.65 -30.25
N PHE A 233 -9.42 64.64 -29.38
CA PHE A 233 -9.54 66.03 -29.81
C PHE A 233 -8.27 66.84 -29.56
N PRO A 234 -8.02 67.83 -30.42
CA PRO A 234 -6.84 68.70 -30.29
C PRO A 234 -7.00 69.76 -29.21
N ASP A 235 -8.23 70.23 -29.02
CA ASP A 235 -8.52 71.24 -28.01
C ASP A 235 -9.85 70.92 -27.32
N ALA A 236 -10.22 71.71 -26.32
CA ALA A 236 -11.47 71.46 -25.60
C ALA A 236 -12.67 72.29 -26.08
N ASN A 237 -12.70 72.62 -27.37
CA ASN A 237 -13.81 73.38 -27.93
C ASN A 237 -14.98 72.46 -28.27
N ALA B 1 9.51 35.40 -54.71
CA ALA B 1 8.19 35.27 -55.38
C ALA B 1 7.06 35.27 -54.36
N ASP B 2 5.88 34.82 -54.78
CA ASP B 2 4.72 34.77 -53.90
C ASP B 2 4.33 33.33 -53.59
N THR B 3 3.49 33.18 -52.56
CA THR B 3 2.98 31.88 -52.18
C THR B 3 1.50 31.94 -52.52
N ILE B 4 1.10 31.16 -53.51
CA ILE B 4 -0.28 31.16 -53.93
C ILE B 4 -0.96 29.81 -53.75
N VAL B 5 -2.18 29.87 -53.26
CA VAL B 5 -3.02 28.68 -53.10
C VAL B 5 -4.29 29.17 -53.80
N ALA B 6 -4.78 28.40 -54.76
CA ALA B 6 -5.97 28.86 -55.46
C ALA B 6 -6.90 27.77 -55.92
N VAL B 7 -8.14 28.18 -56.15
CA VAL B 7 -9.15 27.28 -56.68
C VAL B 7 -9.53 27.95 -57.99
N GLU B 8 -9.15 27.31 -59.10
CA GLU B 8 -9.42 27.87 -60.42
C GLU B 8 -10.64 27.32 -61.14
N LEU B 9 -11.32 28.21 -61.85
CA LEU B 9 -12.46 27.87 -62.68
C LEU B 9 -11.91 28.11 -64.08
N ASP B 10 -11.14 27.14 -64.55
CA ASP B 10 -10.49 27.22 -65.85
C ASP B 10 -11.48 26.99 -67.00
N THR B 11 -11.65 27.98 -67.87
CA THR B 11 -12.59 27.84 -68.98
C THR B 11 -11.95 27.37 -70.28
N TYR B 12 -10.64 27.55 -70.41
CA TYR B 12 -9.93 27.16 -71.63
C TYR B 12 -8.86 26.10 -71.39
N PRO B 13 -8.94 24.97 -72.11
CA PRO B 13 -7.93 23.93 -71.87
C PRO B 13 -6.62 24.11 -72.61
N ASN B 14 -5.55 24.29 -71.83
CA ASN B 14 -4.20 24.45 -72.38
C ASN B 14 -3.48 23.15 -72.07
N THR B 15 -3.83 22.10 -72.80
CA THR B 15 -3.24 20.79 -72.59
C THR B 15 -1.72 20.80 -72.78
N ASP B 16 -1.17 21.93 -73.20
CA ASP B 16 0.27 22.01 -73.38
C ASP B 16 0.99 22.24 -72.04
N ILE B 17 0.24 22.49 -70.98
CA ILE B 17 0.85 22.69 -69.66
C ILE B 17 0.21 21.86 -68.57
N GLY B 18 -0.69 20.95 -68.94
CA GLY B 18 -1.32 20.10 -67.96
C GLY B 18 -2.85 20.06 -67.93
N ASP B 19 -3.47 21.09 -68.50
CA ASP B 19 -4.92 21.16 -68.52
C ASP B 19 -5.55 19.94 -69.14
N PRO B 20 -6.64 19.45 -68.54
CA PRO B 20 -7.28 18.28 -69.17
C PRO B 20 -7.94 18.90 -70.42
N SER B 21 -8.45 18.09 -71.34
CA SER B 21 -9.03 18.65 -72.55
C SER B 21 -10.48 19.14 -72.48
N TYR B 22 -10.79 19.98 -71.49
CA TYR B 22 -12.15 20.51 -71.33
C TYR B 22 -12.18 21.45 -70.14
N PRO B 23 -13.22 22.29 -70.05
CA PRO B 23 -13.30 23.22 -68.92
C PRO B 23 -13.25 22.41 -67.63
N HIS B 24 -12.54 22.94 -66.64
CA HIS B 24 -12.40 22.25 -65.37
C HIS B 24 -12.21 23.22 -64.22
N ILE B 25 -12.29 22.67 -63.01
CA ILE B 25 -12.05 23.45 -61.82
C ILE B 25 -10.92 22.64 -61.17
N GLY B 26 -9.98 23.34 -60.53
CA GLY B 26 -8.89 22.63 -59.90
C GLY B 26 -8.29 23.38 -58.74
N ILE B 27 -7.47 22.68 -57.96
CA ILE B 27 -6.83 23.28 -56.82
C ILE B 27 -5.35 23.46 -57.12
N ASP B 28 -4.89 24.71 -57.04
CA ASP B 28 -3.50 25.03 -57.31
C ASP B 28 -2.73 25.37 -56.05
N ILE B 29 -1.59 24.70 -55.87
CA ILE B 29 -0.73 24.96 -54.72
C ILE B 29 0.62 25.45 -55.25
N LYS B 30 0.82 26.76 -55.25
CA LYS B 30 2.07 27.36 -55.70
C LYS B 30 2.41 27.12 -57.17
N SER B 31 1.52 26.47 -57.92
CA SER B 31 1.74 26.22 -59.35
C SER B 31 0.44 26.19 -60.14
N VAL B 32 0.49 26.64 -61.39
CA VAL B 32 -0.68 26.67 -62.24
C VAL B 32 -1.10 25.25 -62.66
N ARG B 33 -0.20 24.29 -62.43
CA ARG B 33 -0.50 22.89 -62.76
C ARG B 33 -1.25 22.28 -61.58
N SER B 34 -2.57 22.33 -61.66
CA SER B 34 -3.45 21.81 -60.60
C SER B 34 -3.01 20.48 -60.02
N LYS B 35 -3.15 20.34 -58.70
CA LYS B 35 -2.79 19.10 -58.02
C LYS B 35 -3.94 18.10 -58.20
N LYS B 36 -5.12 18.62 -58.52
CA LYS B 36 -6.28 17.77 -58.71
C LYS B 36 -7.34 18.60 -59.46
N THR B 37 -8.05 17.97 -60.38
CA THR B 37 -9.07 18.68 -61.15
C THR B 37 -10.37 17.90 -61.24
N ALA B 38 -11.34 18.47 -61.94
CA ALA B 38 -12.64 17.85 -62.12
C ALA B 38 -13.31 18.49 -63.32
N LYS B 39 -13.87 17.71 -64.22
CA LYS B 39 -14.50 18.35 -65.37
C LYS B 39 -15.65 19.19 -64.88
N TRP B 40 -15.74 20.39 -65.45
CA TRP B 40 -16.79 21.34 -65.11
C TRP B 40 -17.58 21.67 -66.37
N ASN B 41 -18.90 21.48 -66.31
CA ASN B 41 -19.80 21.77 -67.42
C ASN B 41 -20.13 23.25 -67.47
N MET B 42 -19.13 24.04 -67.85
CA MET B 42 -19.26 25.48 -67.96
C MET B 42 -20.48 25.85 -68.82
N GLN B 43 -21.25 26.84 -68.39
CA GLN B 43 -22.44 27.26 -69.14
C GLN B 43 -22.41 28.75 -69.43
N ASN B 44 -21.89 29.08 -70.61
CA ASN B 44 -21.77 30.47 -71.05
C ASN B 44 -23.07 31.26 -70.97
N GLY B 45 -23.01 32.42 -70.32
CA GLY B 45 -24.18 33.26 -70.21
C GLY B 45 -24.98 33.12 -68.92
N LYS B 46 -24.69 32.09 -68.14
CA LYS B 46 -25.42 31.84 -66.89
C LYS B 46 -24.65 32.21 -65.61
N VAL B 47 -25.38 32.74 -64.64
CA VAL B 47 -24.80 33.11 -63.36
C VAL B 47 -24.57 31.82 -62.57
N GLY B 48 -23.33 31.62 -62.12
CA GLY B 48 -23.01 30.41 -61.36
C GLY B 48 -22.56 30.73 -59.95
N THR B 49 -22.31 29.67 -59.17
CA THR B 49 -21.90 29.83 -57.79
C THR B 49 -20.72 28.96 -57.41
N ALA B 50 -19.73 29.55 -56.74
CA ALA B 50 -18.55 28.82 -56.32
C ALA B 50 -18.53 28.86 -54.80
N HIS B 51 -18.22 27.71 -54.20
CA HIS B 51 -18.20 27.58 -52.76
C HIS B 51 -16.91 26.88 -52.36
N ILE B 52 -16.08 27.55 -51.57
CA ILE B 52 -14.83 26.96 -51.13
C ILE B 52 -14.81 26.86 -49.60
N ILE B 53 -14.36 25.72 -49.08
CA ILE B 53 -14.29 25.49 -47.63
C ILE B 53 -12.99 24.81 -47.23
N TYR B 54 -12.62 24.99 -45.98
CA TYR B 54 -11.41 24.40 -45.44
C TYR B 54 -11.44 24.45 -43.92
N ASN B 55 -11.00 23.37 -43.28
CA ASN B 55 -10.93 23.35 -41.82
C ASN B 55 -9.61 22.63 -41.43
N SER B 56 -8.98 23.11 -40.37
CA SER B 56 -7.72 22.55 -39.94
C SER B 56 -7.82 21.19 -39.29
N VAL B 57 -9.04 20.72 -39.05
CA VAL B 57 -9.19 19.41 -38.44
C VAL B 57 -8.94 18.33 -39.50
N ASP B 58 -9.59 18.46 -40.64
CA ASP B 58 -9.42 17.50 -41.74
C ASP B 58 -8.27 17.86 -42.67
N LYS B 59 -7.94 19.16 -42.70
CA LYS B 59 -6.87 19.65 -43.56
C LYS B 59 -7.17 19.25 -45.00
N ARG B 60 -8.40 19.51 -45.40
CA ARG B 60 -8.88 19.20 -46.74
C ARG B 60 -9.56 20.44 -47.34
N LEU B 61 -9.07 20.87 -48.50
CA LEU B 61 -9.61 22.02 -49.21
C LEU B 61 -10.57 21.51 -50.28
N SER B 62 -11.82 21.93 -50.20
CA SER B 62 -12.83 21.49 -51.17
C SER B 62 -13.54 22.66 -51.84
N ALA B 63 -14.02 22.42 -53.06
CA ALA B 63 -14.73 23.44 -53.81
C ALA B 63 -15.89 22.81 -54.57
N VAL B 64 -16.98 23.56 -54.70
CA VAL B 64 -18.16 23.11 -55.41
C VAL B 64 -18.54 24.21 -56.39
N VAL B 65 -18.89 23.84 -57.60
CA VAL B 65 -19.30 24.86 -58.55
C VAL B 65 -20.53 24.33 -59.26
N SER B 66 -21.59 25.12 -59.23
CA SER B 66 -22.81 24.68 -59.88
C SER B 66 -23.62 25.83 -60.47
N TYR B 67 -24.58 25.46 -61.30
CA TYR B 67 -25.50 26.39 -61.93
C TYR B 67 -26.89 25.94 -61.48
N PRO B 68 -27.84 26.87 -61.40
CA PRO B 68 -29.19 26.50 -60.96
C PRO B 68 -29.75 25.34 -61.79
N ASN B 69 -30.38 24.37 -61.12
CA ASN B 69 -30.97 23.23 -61.81
C ASN B 69 -29.99 22.54 -62.75
N ALA B 70 -28.82 22.18 -62.23
CA ALA B 70 -27.81 21.49 -63.02
C ALA B 70 -26.90 20.73 -62.07
N ASP B 71 -26.05 19.88 -62.61
CA ASP B 71 -25.14 19.14 -61.76
C ASP B 71 -24.00 20.05 -61.29
N SER B 72 -23.26 19.57 -60.30
CA SER B 72 -22.17 20.34 -59.75
C SER B 72 -20.83 19.67 -59.92
N ALA B 73 -19.80 20.49 -60.01
CA ALA B 73 -18.45 19.98 -60.14
C ALA B 73 -17.90 20.07 -58.72
N THR B 74 -17.09 19.09 -58.33
CA THR B 74 -16.51 19.08 -56.99
C THR B 74 -15.08 18.61 -57.05
N VAL B 75 -14.21 19.27 -56.30
CA VAL B 75 -12.81 18.88 -56.27
C VAL B 75 -12.26 19.10 -54.87
N SER B 76 -11.50 18.13 -54.35
CA SER B 76 -10.93 18.23 -53.01
C SER B 76 -9.47 17.82 -53.05
N TYR B 77 -8.74 18.20 -52.01
CA TYR B 77 -7.33 17.89 -51.94
C TYR B 77 -6.84 18.07 -50.51
N ASP B 78 -6.18 17.05 -49.99
CA ASP B 78 -5.66 17.09 -48.63
C ASP B 78 -4.41 17.97 -48.61
N VAL B 79 -4.43 19.00 -47.79
CA VAL B 79 -3.28 19.89 -47.69
C VAL B 79 -3.24 20.62 -46.34
N ASP B 80 -2.06 20.62 -45.73
CA ASP B 80 -1.88 21.30 -44.45
C ASP B 80 -1.41 22.70 -44.82
N LEU B 81 -2.34 23.66 -44.80
CA LEU B 81 -2.04 25.03 -45.18
C LEU B 81 -0.98 25.68 -44.30
N ASP B 82 -0.70 25.08 -43.16
CA ASP B 82 0.32 25.62 -42.25
C ASP B 82 1.69 25.56 -42.90
N ASN B 83 1.94 24.47 -43.62
CA ASN B 83 3.22 24.26 -44.29
C ASN B 83 3.31 24.94 -45.63
N VAL B 84 2.22 25.59 -46.04
CA VAL B 84 2.22 26.25 -47.33
C VAL B 84 2.13 27.77 -47.28
N LEU B 85 1.32 28.30 -46.36
CA LEU B 85 1.15 29.74 -46.26
C LEU B 85 1.68 30.34 -44.98
N PRO B 86 1.96 31.65 -45.00
CA PRO B 86 2.44 32.38 -43.83
C PRO B 86 1.18 32.54 -42.96
N GLU B 87 1.30 32.89 -41.69
CA GLU B 87 0.06 32.97 -40.93
C GLU B 87 -0.84 34.17 -41.26
N TRP B 88 -0.28 35.23 -41.83
CA TRP B 88 -1.09 36.37 -42.22
C TRP B 88 -1.09 36.44 -43.74
N VAL B 89 -2.28 36.46 -44.33
CA VAL B 89 -2.41 36.48 -45.78
C VAL B 89 -3.50 37.41 -46.22
N ARG B 90 -3.69 37.49 -47.53
CA ARG B 90 -4.75 38.32 -48.10
C ARG B 90 -5.54 37.39 -49.03
N VAL B 91 -6.84 37.67 -49.18
CA VAL B 91 -7.68 36.85 -50.05
C VAL B 91 -8.26 37.67 -51.19
N GLY B 92 -8.46 37.02 -52.33
CA GLY B 92 -9.00 37.74 -53.46
C GLY B 92 -9.51 36.93 -54.62
N LEU B 93 -9.86 37.63 -55.68
CA LEU B 93 -10.34 37.03 -56.90
C LEU B 93 -9.45 37.50 -58.05
N SER B 94 -9.18 36.59 -58.97
CA SER B 94 -8.34 36.87 -60.11
C SER B 94 -8.97 36.30 -61.40
N ALA B 95 -8.67 36.93 -62.52
CA ALA B 95 -9.20 36.46 -63.80
C ALA B 95 -8.37 37.03 -64.94
N SER B 96 -8.47 36.41 -66.11
CA SER B 96 -7.71 36.87 -67.27
C SER B 96 -8.32 36.42 -68.57
N THR B 97 -7.74 36.94 -69.65
CA THR B 97 -8.15 36.60 -71.00
C THR B 97 -6.86 36.68 -71.78
N GLY B 98 -6.88 36.14 -72.99
CA GLY B 98 -5.68 36.17 -73.81
C GLY B 98 -6.08 36.34 -75.26
N LEU B 99 -5.81 35.31 -76.06
CA LEU B 99 -6.16 35.32 -77.46
C LEU B 99 -7.68 35.30 -77.51
N TYR B 100 -8.27 34.47 -76.66
CA TYR B 100 -9.72 34.35 -76.55
C TYR B 100 -10.19 35.12 -75.31
N LYS B 101 -11.44 35.57 -75.30
CA LYS B 101 -11.93 36.31 -74.16
C LYS B 101 -13.31 35.92 -73.65
N GLU B 102 -13.66 36.48 -72.50
CA GLU B 102 -14.94 36.24 -71.83
C GLU B 102 -15.09 37.35 -70.80
N THR B 103 -16.29 37.54 -70.28
CA THR B 103 -16.49 38.55 -69.25
C THR B 103 -16.32 37.79 -67.95
N ASN B 104 -15.48 38.32 -67.07
CA ASN B 104 -15.24 37.70 -65.78
C ASN B 104 -15.91 38.59 -64.72
N THR B 105 -17.25 38.57 -64.72
CA THR B 105 -18.06 39.37 -63.81
C THR B 105 -18.39 38.69 -62.47
N ILE B 106 -18.21 39.42 -61.38
CA ILE B 106 -18.50 38.89 -60.06
C ILE B 106 -19.71 39.65 -59.56
N LEU B 107 -20.78 38.93 -59.22
CA LEU B 107 -22.00 39.55 -58.74
C LEU B 107 -22.07 39.66 -57.23
N SER B 108 -21.33 38.80 -56.52
CA SER B 108 -21.29 38.83 -55.06
C SER B 108 -20.13 38.02 -54.53
N TRP B 109 -19.69 38.35 -53.32
CA TRP B 109 -18.56 37.68 -52.72
C TRP B 109 -18.57 37.82 -51.21
N SER B 110 -18.50 36.70 -50.52
CA SER B 110 -18.49 36.70 -49.07
C SER B 110 -17.34 35.81 -48.63
N PHE B 111 -16.93 35.96 -47.38
CA PHE B 111 -15.82 35.19 -46.85
C PHE B 111 -15.93 35.17 -45.33
N THR B 112 -15.61 34.04 -44.72
CA THR B 112 -15.66 33.93 -43.27
C THR B 112 -14.45 33.16 -42.80
N SER B 113 -13.81 33.65 -41.75
CA SER B 113 -12.63 33.02 -41.20
C SER B 113 -12.75 32.97 -39.68
N LYS B 114 -12.52 31.80 -39.09
CA LYS B 114 -12.61 31.63 -37.63
C LYS B 114 -11.38 30.95 -37.08
N LEU B 115 -10.91 31.44 -35.94
CA LEU B 115 -9.74 30.88 -35.29
C LEU B 115 -10.02 30.67 -33.79
N LYS B 116 -10.00 29.41 -33.32
CA LYS B 116 -10.24 29.14 -31.90
C LYS B 116 -8.89 28.76 -31.29
N SER B 117 -8.41 29.57 -30.35
CA SER B 117 -7.09 29.31 -29.74
C SER B 117 -7.04 28.42 -28.50
N ASN B 118 -5.82 28.34 -27.94
CA ASN B 118 -5.50 27.56 -26.75
C ASN B 118 -6.23 28.05 -25.49
N SER B 119 -7.48 28.46 -25.64
CA SER B 119 -8.23 28.96 -24.49
C SER B 119 -9.73 28.69 -24.62
N THR B 120 -10.42 28.73 -23.49
CA THR B 120 -11.85 28.47 -23.41
C THR B 120 -12.71 29.50 -24.16
N HIS B 121 -13.20 29.10 -25.33
CA HIS B 121 -14.06 29.97 -26.15
C HIS B 121 -13.32 31.18 -26.71
N GLU B 122 -12.02 31.06 -26.96
CA GLU B 122 -11.26 32.19 -27.50
C GLU B 122 -11.23 32.12 -29.01
N THR B 123 -12.26 32.69 -29.62
CA THR B 123 -12.41 32.71 -31.06
C THR B 123 -12.25 34.09 -31.69
N ASN B 124 -11.45 34.14 -32.74
CA ASN B 124 -11.25 35.37 -33.49
C ASN B 124 -11.97 35.07 -34.78
N ALA B 125 -12.64 36.07 -35.34
CA ALA B 125 -13.35 35.83 -36.57
C ALA B 125 -13.37 37.05 -37.46
N LEU B 126 -13.43 36.82 -38.77
CA LEU B 126 -13.52 37.89 -39.75
C LEU B 126 -14.57 37.47 -40.75
N HIS B 127 -15.45 38.39 -41.11
CA HIS B 127 -16.49 38.08 -42.07
C HIS B 127 -16.86 39.30 -42.88
N PHE B 128 -16.90 39.15 -44.19
CA PHE B 128 -17.31 40.24 -45.05
C PHE B 128 -18.19 39.68 -46.15
N MET B 129 -19.16 40.47 -46.59
CA MET B 129 -20.08 40.04 -47.62
C MET B 129 -20.37 41.19 -48.56
N PHE B 130 -20.16 40.95 -49.86
CA PHE B 130 -20.41 41.95 -50.89
C PHE B 130 -21.52 41.45 -51.80
N ASN B 131 -22.62 42.21 -51.90
CA ASN B 131 -23.72 41.83 -52.79
C ASN B 131 -23.83 42.85 -53.92
N GLN B 132 -23.12 43.96 -53.74
CA GLN B 132 -23.07 45.00 -54.75
C GLN B 132 -21.80 45.80 -54.48
N PHE B 133 -21.11 46.17 -55.54
CA PHE B 133 -19.88 46.93 -55.42
C PHE B 133 -20.07 48.38 -55.87
N SER B 134 -19.55 49.32 -55.08
CA SER B 134 -19.65 50.73 -55.41
C SER B 134 -18.51 51.15 -56.31
N LYS B 135 -18.69 52.28 -56.98
CA LYS B 135 -17.65 52.79 -57.88
C LYS B 135 -16.37 52.93 -57.06
N ASP B 136 -16.50 53.45 -55.86
CA ASP B 136 -15.35 53.63 -54.99
C ASP B 136 -15.45 52.67 -53.80
N GLN B 137 -14.87 51.49 -53.97
CA GLN B 137 -14.87 50.43 -52.95
C GLN B 137 -13.56 50.48 -52.16
N LYS B 138 -13.49 51.37 -51.17
CA LYS B 138 -12.28 51.54 -50.38
C LYS B 138 -11.78 50.34 -49.57
N ASP B 139 -12.59 49.31 -49.43
CA ASP B 139 -12.16 48.15 -48.69
C ASP B 139 -11.64 47.04 -49.59
N LEU B 140 -11.49 47.35 -50.88
CA LEU B 140 -10.96 46.38 -51.84
C LEU B 140 -9.71 46.90 -52.52
N ILE B 141 -8.77 46.04 -52.82
CA ILE B 141 -7.56 46.46 -53.53
C ILE B 141 -7.72 45.98 -54.96
N LEU B 142 -7.89 46.90 -55.91
CA LEU B 142 -8.04 46.54 -57.31
C LEU B 142 -6.71 46.59 -58.04
N GLN B 143 -6.34 45.48 -58.64
CA GLN B 143 -5.08 45.39 -59.37
C GLN B 143 -5.35 45.12 -60.85
N GLY B 144 -4.43 45.52 -61.71
CA GLY B 144 -4.61 45.29 -63.14
C GLY B 144 -5.85 46.01 -63.67
N ASP B 145 -6.56 45.35 -64.57
CA ASP B 145 -7.75 45.92 -65.19
C ASP B 145 -9.06 45.84 -64.41
N ALA B 146 -9.00 45.31 -63.19
CA ALA B 146 -10.19 45.17 -62.33
C ALA B 146 -10.88 46.51 -62.07
N THR B 147 -12.21 46.52 -62.11
CA THR B 147 -12.98 47.74 -61.84
C THR B 147 -14.31 47.38 -61.17
N THR B 148 -14.91 48.34 -60.47
CA THR B 148 -16.16 48.12 -59.76
C THR B 148 -17.14 49.24 -60.07
N GLY B 149 -18.42 49.01 -59.75
CA GLY B 149 -19.43 50.02 -60.00
C GLY B 149 -20.33 49.79 -61.21
N THR B 150 -19.84 49.04 -62.19
CA THR B 150 -20.59 48.74 -63.41
C THR B 150 -21.81 47.88 -63.10
N ASP B 151 -22.92 48.53 -62.78
CA ASP B 151 -24.17 47.85 -62.46
C ASP B 151 -24.09 47.18 -61.09
N GLY B 152 -23.21 47.69 -60.23
CA GLY B 152 -23.05 47.12 -58.90
C GLY B 152 -22.25 45.83 -58.89
N ASN B 153 -21.55 45.54 -59.99
CA ASN B 153 -20.76 44.32 -60.07
C ASN B 153 -19.26 44.61 -60.09
N LEU B 154 -18.47 43.55 -60.02
CA LEU B 154 -17.01 43.68 -60.05
C LEU B 154 -16.51 43.03 -61.34
N GLU B 155 -16.03 43.85 -62.27
CA GLU B 155 -15.52 43.35 -63.53
C GLU B 155 -14.05 43.12 -63.32
N LEU B 156 -13.63 41.87 -63.32
CA LEU B 156 -12.23 41.55 -63.11
C LEU B 156 -11.34 41.83 -64.31
N THR B 157 -11.92 41.87 -65.52
CA THR B 157 -11.14 42.12 -66.74
C THR B 157 -11.84 43.15 -67.66
N ARG B 158 -11.07 43.78 -68.55
CA ARG B 158 -11.58 44.80 -69.47
C ARG B 158 -12.84 44.40 -70.22
N VAL B 159 -13.79 45.32 -70.27
CA VAL B 159 -15.04 45.10 -70.98
C VAL B 159 -15.37 46.42 -71.67
N SER B 160 -15.68 46.37 -72.96
CA SER B 160 -15.99 47.58 -73.71
C SER B 160 -17.19 48.33 -73.14
N SER B 161 -17.46 49.50 -73.71
CA SER B 161 -18.56 50.38 -73.30
C SER B 161 -19.87 49.74 -72.86
N ASN B 162 -20.16 48.54 -73.37
CA ASN B 162 -21.43 47.91 -73.00
C ASN B 162 -21.48 46.39 -72.82
N GLY B 163 -20.33 45.72 -72.74
CA GLY B 163 -20.40 44.29 -72.54
C GLY B 163 -19.44 43.41 -73.30
N SER B 164 -18.77 43.94 -74.31
CA SER B 164 -17.83 43.13 -75.07
C SER B 164 -16.52 42.93 -74.33
N PRO B 165 -16.19 41.67 -74.03
CA PRO B 165 -14.94 41.36 -73.33
C PRO B 165 -13.73 41.63 -74.21
N GLN B 166 -12.60 41.97 -73.59
CA GLN B 166 -11.35 42.26 -74.28
C GLN B 166 -10.33 41.16 -74.04
N GLY B 167 -9.45 40.94 -75.02
CA GLY B 167 -8.40 39.94 -74.88
C GLY B 167 -7.21 40.51 -74.15
N SER B 168 -6.24 39.66 -73.80
CA SER B 168 -5.06 40.11 -73.09
C SER B 168 -5.39 41.06 -71.93
N SER B 169 -6.10 40.56 -70.94
CA SER B 169 -6.47 41.38 -69.79
C SER B 169 -6.29 40.60 -68.49
N VAL B 170 -5.89 41.28 -67.42
CA VAL B 170 -5.71 40.67 -66.11
C VAL B 170 -6.15 41.63 -65.01
N GLY B 171 -6.88 41.10 -64.05
CA GLY B 171 -7.35 41.91 -62.94
C GLY B 171 -7.54 41.09 -61.69
N ARG B 172 -7.43 41.74 -60.55
CA ARG B 172 -7.61 41.06 -59.27
C ARG B 172 -8.26 42.02 -58.28
N ALA B 173 -8.85 41.44 -57.24
CA ALA B 173 -9.49 42.20 -56.18
C ALA B 173 -9.18 41.50 -54.88
N LEU B 174 -8.43 42.16 -54.00
CA LEU B 174 -8.10 41.56 -52.72
C LEU B 174 -8.80 42.36 -51.63
N PHE B 175 -9.20 41.67 -50.56
CA PHE B 175 -9.86 42.36 -49.45
C PHE B 175 -8.77 43.19 -48.76
N TYR B 176 -9.11 44.43 -48.42
CA TYR B 176 -8.16 45.32 -47.81
C TYR B 176 -7.44 44.81 -46.56
N ALA B 177 -8.19 44.29 -45.59
CA ALA B 177 -7.56 43.81 -44.36
C ALA B 177 -6.87 42.45 -44.47
N PRO B 178 -5.70 42.29 -43.82
CA PRO B 178 -4.96 41.02 -43.85
C PRO B 178 -5.76 40.01 -43.04
N VAL B 179 -5.59 38.73 -43.34
CA VAL B 179 -6.34 37.68 -42.65
C VAL B 179 -5.43 36.70 -41.90
N HIS B 180 -5.81 36.40 -40.66
CA HIS B 180 -5.05 35.46 -39.85
C HIS B 180 -5.67 34.10 -40.16
N ILE B 181 -5.08 33.41 -41.13
CA ILE B 181 -5.59 32.12 -41.61
C ILE B 181 -5.22 30.92 -40.74
N TRP B 182 -4.14 31.02 -39.98
CA TRP B 182 -3.75 29.91 -39.11
C TRP B 182 -2.83 30.33 -37.98
N GLU B 183 -2.83 29.53 -36.93
CA GLU B 183 -1.98 29.79 -35.78
C GLU B 183 -1.50 28.47 -35.21
N SER B 184 -0.42 28.52 -34.44
CA SER B 184 0.14 27.32 -33.84
C SER B 184 -0.70 26.83 -32.67
N SER B 185 -1.08 27.77 -31.80
CA SER B 185 -1.87 27.44 -30.63
C SER B 185 -3.36 27.47 -30.98
N ALA B 186 -3.70 26.91 -32.14
CA ALA B 186 -5.09 26.88 -32.61
C ALA B 186 -5.69 25.48 -32.58
N VAL B 187 -6.88 25.38 -32.00
CA VAL B 187 -7.61 24.13 -31.88
C VAL B 187 -8.32 23.84 -33.20
N VAL B 188 -8.96 24.87 -33.75
CA VAL B 188 -9.67 24.72 -35.00
C VAL B 188 -9.62 26.03 -35.78
N ALA B 189 -9.16 25.94 -37.02
CA ALA B 189 -9.06 27.10 -37.88
C ALA B 189 -9.84 26.71 -39.12
N SER B 190 -10.75 27.58 -39.55
CA SER B 190 -11.55 27.26 -40.72
C SER B 190 -11.97 28.51 -41.46
N PHE B 191 -12.17 28.37 -42.76
CA PHE B 191 -12.62 29.49 -43.56
C PHE B 191 -13.49 28.96 -44.70
N GLU B 192 -14.38 29.82 -45.20
CA GLU B 192 -15.22 29.44 -46.32
C GLU B 192 -15.54 30.67 -47.16
N ALA B 193 -15.38 30.52 -48.47
CA ALA B 193 -15.62 31.61 -49.39
C ALA B 193 -16.74 31.26 -50.37
N THR B 194 -17.47 32.27 -50.83
CA THR B 194 -18.55 32.05 -51.77
C THR B 194 -18.66 33.22 -52.72
N PHE B 195 -18.85 32.93 -54.00
CA PHE B 195 -19.03 34.00 -54.96
C PHE B 195 -19.85 33.55 -56.15
N THR B 196 -20.70 34.45 -56.65
CA THR B 196 -21.52 34.16 -57.81
C THR B 196 -20.84 34.86 -58.99
N PHE B 197 -20.81 34.21 -60.14
CA PHE B 197 -20.15 34.77 -61.30
C PHE B 197 -20.97 34.66 -62.57
N LEU B 198 -20.55 35.41 -63.59
CA LEU B 198 -21.21 35.38 -64.88
C LEU B 198 -20.16 35.49 -65.96
N ILE B 199 -19.77 34.34 -66.48
CA ILE B 199 -18.78 34.28 -67.54
C ILE B 199 -19.52 34.23 -68.88
N LYS B 200 -19.26 35.22 -69.71
CA LYS B 200 -19.91 35.32 -71.01
C LYS B 200 -18.94 35.57 -72.14
N SER B 201 -19.16 34.89 -73.25
CA SER B 201 -18.32 35.05 -74.42
C SER B 201 -19.22 35.32 -75.61
N PRO B 202 -19.15 36.53 -76.19
CA PRO B 202 -19.97 36.90 -77.35
C PRO B 202 -19.83 35.81 -78.40
N ASP B 203 -18.60 35.55 -78.82
CA ASP B 203 -18.33 34.46 -79.77
C ASP B 203 -18.43 33.28 -78.81
N SER B 204 -18.82 32.11 -79.30
CA SER B 204 -18.98 30.97 -78.42
C SER B 204 -17.69 30.28 -77.96
N HIS B 205 -16.62 31.05 -77.80
CA HIS B 205 -15.33 30.48 -77.40
C HIS B 205 -14.67 31.26 -76.25
N PRO B 206 -14.85 30.80 -75.00
CA PRO B 206 -14.26 31.52 -73.88
C PRO B 206 -12.87 31.14 -73.36
N ALA B 207 -12.29 32.06 -72.60
CA ALA B 207 -10.98 31.88 -71.97
C ALA B 207 -10.67 33.19 -71.22
N ASP B 208 -10.10 33.11 -70.03
CA ASP B 208 -9.25 32.00 -69.62
C ASP B 208 -9.68 31.43 -68.28
N GLY B 209 -10.43 32.22 -67.51
CA GLY B 209 -10.88 31.74 -66.22
C GLY B 209 -10.92 32.73 -65.07
N ILE B 210 -11.43 32.23 -63.95
CA ILE B 210 -11.54 33.00 -62.71
C ILE B 210 -10.95 32.16 -61.59
N ALA B 211 -10.33 32.80 -60.60
CA ALA B 211 -9.74 32.05 -59.50
C ALA B 211 -9.90 32.74 -58.16
N PHE B 212 -10.10 31.94 -57.11
CA PHE B 212 -10.19 32.47 -55.76
C PHE B 212 -8.81 32.13 -55.19
N PHE B 213 -8.12 33.12 -54.63
CA PHE B 213 -6.81 32.82 -54.10
C PHE B 213 -6.46 33.40 -52.74
N ILE B 214 -5.41 32.84 -52.17
CA ILE B 214 -4.89 33.23 -50.89
C ILE B 214 -3.40 33.46 -51.15
N SER B 215 -2.85 34.55 -50.62
CA SER B 215 -1.44 34.83 -50.86
C SER B 215 -0.85 35.68 -49.76
N ASN B 216 0.44 35.96 -49.90
CA ASN B 216 1.13 36.81 -48.95
C ASN B 216 0.50 38.19 -49.14
N ILE B 217 0.50 38.97 -48.06
CA ILE B 217 -0.10 40.29 -48.06
C ILE B 217 0.30 41.24 -49.19
N ASP B 218 1.58 41.21 -49.60
CA ASP B 218 2.06 42.12 -50.63
C ASP B 218 1.97 41.60 -52.08
N SER B 219 1.25 40.51 -52.28
CA SER B 219 1.08 39.95 -53.61
C SER B 219 0.58 40.95 -54.64
N SER B 220 1.09 40.83 -55.85
CA SER B 220 0.69 41.71 -56.95
C SER B 220 0.74 40.88 -58.23
N ILE B 221 0.10 41.36 -59.29
CA ILE B 221 0.06 40.65 -60.56
C ILE B 221 1.43 40.38 -61.17
N PRO B 222 1.81 39.09 -61.30
CA PRO B 222 3.11 38.69 -61.87
C PRO B 222 3.27 39.25 -63.27
N SER B 223 4.51 39.46 -63.71
CA SER B 223 4.75 40.00 -65.04
C SER B 223 4.32 39.02 -66.13
N GLY B 224 3.48 39.52 -67.05
CA GLY B 224 3.01 38.69 -68.16
C GLY B 224 2.13 37.50 -67.79
N SER B 225 1.39 37.62 -66.70
CA SER B 225 0.52 36.53 -66.26
C SER B 225 -0.88 36.56 -66.84
N THR B 226 -1.04 37.16 -68.02
CA THR B 226 -2.35 37.19 -68.66
C THR B 226 -2.61 35.80 -69.23
N GLY B 227 -3.78 35.63 -69.85
CA GLY B 227 -4.13 34.35 -70.44
C GLY B 227 -4.14 33.15 -69.52
N ARG B 228 -3.50 32.07 -69.97
CA ARG B 228 -3.43 30.81 -69.24
C ARG B 228 -2.95 30.87 -67.79
N LEU B 229 -2.23 31.94 -67.43
CA LEU B 229 -1.71 32.03 -66.06
C LEU B 229 -2.65 32.65 -65.02
N LEU B 230 -3.83 33.04 -65.46
CA LEU B 230 -4.86 33.60 -64.58
C LEU B 230 -4.42 34.72 -63.63
N GLY B 231 -3.39 35.47 -64.00
CA GLY B 231 -2.90 36.55 -63.17
C GLY B 231 -2.38 36.09 -61.82
N LEU B 232 -2.02 34.81 -61.71
CA LEU B 232 -1.55 34.25 -60.45
C LEU B 232 -0.09 33.83 -60.42
N PHE B 233 0.38 33.20 -61.49
CA PHE B 233 1.75 32.71 -61.54
C PHE B 233 2.60 33.35 -62.63
N PRO B 234 3.91 33.50 -62.37
CA PRO B 234 4.88 34.10 -63.31
C PRO B 234 5.27 33.21 -64.50
N ASP B 235 5.08 31.91 -64.36
CA ASP B 235 5.39 30.96 -65.42
C ASP B 235 4.50 29.73 -65.32
N ALA B 236 4.68 28.78 -66.24
CA ALA B 236 3.85 27.57 -66.26
C ALA B 236 4.49 26.37 -65.59
N ASN B 237 5.56 26.59 -64.84
CA ASN B 237 6.22 25.49 -64.15
C ASN B 237 5.32 24.95 -63.04
N ALA C 1 10.53 -17.07 44.23
CA ALA C 1 11.32 -17.95 45.14
C ALA C 1 10.86 -19.41 45.02
N ASP C 2 10.74 -20.09 46.16
CA ASP C 2 10.32 -21.47 46.16
C ASP C 2 8.91 -21.64 46.70
N THR C 3 8.20 -22.65 46.20
CA THR C 3 6.87 -22.95 46.69
C THR C 3 7.10 -24.10 47.63
N ILE C 4 6.77 -23.90 48.91
CA ILE C 4 6.99 -24.94 49.91
C ILE C 4 5.71 -25.36 50.62
N VAL C 5 5.68 -26.63 51.00
CA VAL C 5 4.58 -27.21 51.77
C VAL C 5 5.33 -28.08 52.75
N ALA C 6 5.11 -27.88 54.03
CA ALA C 6 5.87 -28.64 55.00
C ALA C 6 5.15 -29.00 56.27
N VAL C 7 5.59 -30.11 56.85
CA VAL C 7 5.06 -30.56 58.13
C VAL C 7 6.31 -30.43 59.00
N GLU C 8 6.28 -29.48 59.93
CA GLU C 8 7.42 -29.23 60.81
C GLU C 8 7.31 -29.81 62.21
N LEU C 9 8.46 -30.21 62.74
CA LEU C 9 8.54 -30.71 64.11
C LEU C 9 9.34 -29.60 64.80
N ASP C 10 8.63 -28.55 65.20
CA ASP C 10 9.24 -27.37 65.81
C ASP C 10 9.59 -27.57 67.30
N THR C 11 10.89 -27.65 67.59
CA THR C 11 11.30 -27.88 68.96
C THR C 11 11.39 -26.63 69.84
N TYR C 12 11.59 -25.46 69.24
CA TYR C 12 11.70 -24.24 70.02
C TYR C 12 10.58 -23.24 69.71
N PRO C 13 9.91 -22.72 70.75
CA PRO C 13 8.80 -21.76 70.63
C PRO C 13 9.21 -20.31 70.34
N ASN C 14 9.00 -19.88 69.10
CA ASN C 14 9.33 -18.53 68.67
C ASN C 14 8.05 -17.73 68.61
N THR C 15 7.52 -17.42 69.79
CA THR C 15 6.27 -16.67 69.89
C THR C 15 6.31 -15.36 69.13
N ASP C 16 7.51 -14.83 68.89
CA ASP C 16 7.66 -13.57 68.16
C ASP C 16 7.25 -13.67 66.68
N ILE C 17 6.90 -14.86 66.22
CA ILE C 17 6.49 -15.06 64.83
C ILE C 17 5.32 -16.03 64.66
N GLY C 18 4.54 -16.23 65.72
CA GLY C 18 3.38 -17.11 65.62
C GLY C 18 3.42 -18.45 66.34
N ASP C 19 4.60 -18.93 66.68
CA ASP C 19 4.76 -20.21 67.36
C ASP C 19 4.01 -20.30 68.68
N PRO C 20 3.17 -21.34 68.85
CA PRO C 20 2.48 -21.40 70.15
C PRO C 20 3.60 -21.57 71.19
N SER C 21 3.39 -21.16 72.44
CA SER C 21 4.46 -21.27 73.44
C SER C 21 4.71 -22.66 74.00
N TYR C 22 5.21 -23.54 73.14
CA TYR C 22 5.54 -24.92 73.50
C TYR C 22 5.94 -25.71 72.25
N PRO C 23 6.71 -26.79 72.42
CA PRO C 23 7.12 -27.60 71.27
C PRO C 23 5.88 -28.08 70.53
N HIS C 24 5.92 -28.07 69.22
CA HIS C 24 4.74 -28.47 68.47
C HIS C 24 5.04 -29.00 67.09
N ILE C 25 4.01 -29.54 66.45
CA ILE C 25 4.13 -30.01 65.09
C ILE C 25 3.14 -29.13 64.34
N GLY C 26 3.49 -28.76 63.12
CA GLY C 26 2.59 -27.91 62.34
C GLY C 26 2.64 -28.13 60.85
N ILE C 27 1.63 -27.56 60.18
CA ILE C 27 1.53 -27.67 58.75
C ILE C 27 1.73 -26.28 58.16
N ASP C 28 2.76 -26.13 57.34
CA ASP C 28 3.08 -24.85 56.73
C ASP C 28 2.81 -24.85 55.23
N ILE C 29 2.12 -23.81 54.77
CA ILE C 29 1.81 -23.66 53.36
C ILE C 29 2.40 -22.35 52.88
N LYS C 30 3.59 -22.40 52.29
CA LYS C 30 4.24 -21.21 51.76
C LYS C 30 4.60 -20.20 52.85
N SER C 31 4.66 -20.64 54.10
CA SER C 31 4.99 -19.76 55.21
C SER C 31 5.37 -20.48 56.50
N VAL C 32 6.36 -19.94 57.21
CA VAL C 32 6.78 -20.55 58.46
C VAL C 32 5.70 -20.37 59.53
N ARG C 33 4.70 -19.55 59.21
CA ARG C 33 3.57 -19.31 60.13
C ARG C 33 2.50 -20.37 59.90
N SER C 34 2.70 -21.52 60.53
CA SER C 34 1.79 -22.67 60.41
C SER C 34 0.32 -22.32 60.30
N LYS C 35 -0.35 -22.98 59.37
CA LYS C 35 -1.78 -22.80 59.17
C LYS C 35 -2.52 -23.52 60.29
N LYS C 36 -1.82 -24.46 60.92
CA LYS C 36 -2.40 -25.22 62.02
C LYS C 36 -1.29 -25.96 62.78
N THR C 37 -1.38 -25.95 64.11
CA THR C 37 -0.39 -26.61 64.96
C THR C 37 -1.02 -27.54 66.01
N ALA C 38 -0.19 -28.24 66.75
CA ALA C 38 -0.67 -29.15 67.78
C ALA C 38 0.44 -29.33 68.81
N LYS C 39 0.08 -29.40 70.09
CA LYS C 39 1.11 -29.58 71.11
C LYS C 39 1.86 -30.88 70.87
N TRP C 40 3.16 -30.86 71.12
CA TRP C 40 3.97 -32.04 70.91
C TRP C 40 4.93 -32.26 72.09
N ASN C 41 4.77 -33.39 72.77
CA ASN C 41 5.64 -33.70 73.93
C ASN C 41 6.93 -34.28 73.44
N MET C 42 7.77 -33.42 72.88
CA MET C 42 9.07 -33.85 72.38
C MET C 42 9.84 -34.57 73.51
N GLN C 43 10.63 -35.58 73.17
CA GLN C 43 11.38 -36.31 74.17
C GLN C 43 12.84 -36.40 73.81
N ASN C 44 13.64 -35.55 74.46
CA ASN C 44 15.07 -35.46 74.22
C ASN C 44 15.73 -36.82 74.34
N GLY C 45 16.47 -37.23 73.31
CA GLY C 45 17.17 -38.50 73.34
C GLY C 45 16.42 -39.75 72.92
N LYS C 46 15.10 -39.65 72.75
CA LYS C 46 14.31 -40.81 72.36
C LYS C 46 14.08 -40.85 70.85
N VAL C 47 14.10 -42.05 70.28
CA VAL C 47 13.86 -42.19 68.85
C VAL C 47 12.36 -42.06 68.61
N GLY C 48 11.99 -41.19 67.67
CA GLY C 48 10.58 -40.99 67.38
C GLY C 48 10.20 -41.34 65.95
N THR C 49 8.91 -41.27 65.65
CA THR C 49 8.41 -41.59 64.32
C THR C 49 7.41 -40.56 63.83
N ALA C 50 7.53 -40.19 62.56
CA ALA C 50 6.64 -39.22 61.95
C ALA C 50 5.97 -39.89 60.75
N HIS C 51 4.68 -39.65 60.60
CA HIS C 51 3.87 -40.25 59.55
C HIS C 51 3.04 -39.14 58.88
N ILE C 52 3.31 -38.86 57.61
CA ILE C 52 2.52 -37.84 56.89
C ILE C 52 1.69 -38.51 55.79
N ILE C 53 0.42 -38.17 55.69
CA ILE C 53 -0.45 -38.77 54.66
C ILE C 53 -1.34 -37.73 54.00
N TYR C 54 -1.67 -37.99 52.73
CA TYR C 54 -2.51 -37.09 51.95
C TYR C 54 -3.18 -37.84 50.79
N ASN C 55 -4.44 -37.52 50.50
CA ASN C 55 -5.14 -38.14 49.37
C ASN C 55 -6.01 -37.09 48.70
N SER C 56 -6.10 -37.16 47.37
CA SER C 56 -6.89 -36.19 46.62
C SER C 56 -8.39 -36.29 46.84
N VAL C 57 -8.86 -37.39 47.42
CA VAL C 57 -10.28 -37.54 47.64
C VAL C 57 -10.76 -36.58 48.72
N ASP C 58 -10.10 -36.62 49.87
CA ASP C 58 -10.43 -35.75 51.00
C ASP C 58 -9.73 -34.40 50.93
N LYS C 59 -8.64 -34.33 50.18
CA LYS C 59 -7.86 -33.09 50.07
C LYS C 59 -7.49 -32.61 51.48
N ARG C 60 -7.02 -33.54 52.27
CA ARG C 60 -6.64 -33.19 53.62
C ARG C 60 -5.29 -33.78 54.01
N LEU C 61 -4.35 -32.91 54.39
CA LEU C 61 -2.99 -33.28 54.74
C LEU C 61 -2.91 -33.52 56.24
N SER C 62 -2.49 -34.73 56.65
CA SER C 62 -2.41 -35.06 58.08
C SER C 62 -1.05 -35.60 58.52
N ALA C 63 -0.73 -35.39 59.79
CA ALA C 63 0.55 -35.86 60.32
C ALA C 63 0.41 -36.44 61.70
N VAL C 64 1.18 -37.49 61.99
CA VAL C 64 1.18 -38.13 63.30
C VAL C 64 2.62 -38.24 63.73
N VAL C 65 2.92 -37.82 64.95
CA VAL C 65 4.27 -37.93 65.46
C VAL C 65 4.16 -38.55 66.83
N SER C 66 4.88 -39.66 67.05
CA SER C 66 4.79 -40.32 68.34
C SER C 66 6.06 -41.02 68.79
N TYR C 67 6.10 -41.34 70.07
CA TYR C 67 7.22 -42.04 70.69
C TYR C 67 6.68 -43.35 71.26
N PRO C 68 7.48 -44.42 71.27
CA PRO C 68 7.03 -45.72 71.80
C PRO C 68 6.39 -45.60 73.17
N ASN C 69 5.29 -46.32 73.37
CA ASN C 69 4.58 -46.30 74.65
C ASN C 69 4.35 -44.90 75.21
N ALA C 70 3.95 -43.99 74.33
CA ALA C 70 3.67 -42.61 74.71
C ALA C 70 2.48 -42.18 73.86
N ASP C 71 1.98 -40.98 74.11
CA ASP C 71 0.85 -40.51 73.34
C ASP C 71 1.33 -39.93 72.02
N SER C 72 0.39 -39.73 71.11
CA SER C 72 0.72 -39.18 69.81
C SER C 72 0.22 -37.76 69.69
N ALA C 73 0.81 -37.02 68.76
CA ALA C 73 0.39 -35.67 68.48
C ALA C 73 -0.11 -35.75 67.04
N THR C 74 -1.29 -35.19 66.78
CA THR C 74 -1.86 -35.24 65.45
C THR C 74 -2.21 -33.85 64.97
N VAL C 75 -2.18 -33.65 63.66
CA VAL C 75 -2.52 -32.36 63.10
C VAL C 75 -2.96 -32.58 61.67
N SER C 76 -4.09 -31.98 61.31
CA SER C 76 -4.65 -32.10 59.96
C SER C 76 -5.03 -30.73 59.42
N TYR C 77 -5.14 -30.64 58.12
CA TYR C 77 -5.50 -29.37 57.52
C TYR C 77 -6.07 -29.64 56.14
N ASP C 78 -7.22 -29.04 55.85
CA ASP C 78 -7.85 -29.20 54.54
C ASP C 78 -7.13 -28.27 53.58
N VAL C 79 -6.54 -28.87 52.55
CA VAL C 79 -5.83 -28.09 51.55
C VAL C 79 -5.82 -28.83 50.22
N ASP C 80 -6.05 -28.08 49.15
CA ASP C 80 -6.08 -28.62 47.81
C ASP C 80 -4.72 -28.36 47.18
N LEU C 81 -3.84 -29.35 47.25
CA LEU C 81 -2.49 -29.21 46.71
C LEU C 81 -2.42 -28.91 45.22
N ASP C 82 -3.53 -29.10 44.50
CA ASP C 82 -3.54 -28.80 43.07
C ASP C 82 -3.28 -27.32 42.88
N ASN C 83 -3.84 -26.51 43.77
CA ASN C 83 -3.70 -25.06 43.69
C ASN C 83 -2.59 -24.48 44.55
N VAL C 84 -1.58 -25.27 44.87
CA VAL C 84 -0.50 -24.77 45.70
C VAL C 84 0.84 -25.16 45.14
N LEU C 85 0.93 -26.39 44.66
CA LEU C 85 2.17 -26.92 44.12
C LEU C 85 2.10 -27.16 42.61
N PRO C 86 3.25 -27.12 41.94
CA PRO C 86 3.30 -27.36 40.50
C PRO C 86 3.06 -28.87 40.39
N GLU C 87 2.82 -29.42 39.21
CA GLU C 87 2.57 -30.84 39.21
C GLU C 87 3.79 -31.71 39.45
N TRP C 88 4.97 -31.18 39.15
CA TRP C 88 6.20 -31.92 39.38
C TRP C 88 6.97 -31.24 40.51
N VAL C 89 7.25 -32.01 41.55
CA VAL C 89 7.94 -31.50 42.72
C VAL C 89 9.07 -32.42 43.16
N ARG C 90 9.74 -32.03 44.23
CA ARG C 90 10.83 -32.81 44.81
C ARG C 90 10.49 -32.90 46.31
N VAL C 91 10.73 -34.05 46.93
CA VAL C 91 10.44 -34.20 48.35
C VAL C 91 11.73 -34.31 49.14
N GLY C 92 11.70 -33.87 50.39
CA GLY C 92 12.89 -33.94 51.21
C GLY C 92 12.70 -33.63 52.67
N LEU C 93 13.80 -33.74 53.41
CA LEU C 93 13.83 -33.48 54.84
C LEU C 93 14.74 -32.29 55.09
N SER C 94 14.34 -31.41 56.00
CA SER C 94 15.12 -30.23 56.33
C SER C 94 15.23 -30.07 57.84
N ALA C 95 16.29 -29.43 58.32
CA ALA C 95 16.49 -29.23 59.75
C ALA C 95 17.47 -28.09 60.02
N SER C 96 17.51 -27.61 61.26
CA SER C 96 18.43 -26.54 61.59
C SER C 96 18.57 -26.28 63.08
N THR C 97 19.54 -25.43 63.41
CA THR C 97 19.83 -25.02 64.77
C THR C 97 20.14 -23.53 64.71
N GLY C 98 20.16 -22.87 65.87
CA GLY C 98 20.46 -21.44 65.89
C GLY C 98 21.36 -21.16 67.09
N LEU C 99 20.85 -20.41 68.06
CA LEU C 99 21.63 -20.14 69.27
C LEU C 99 21.68 -21.44 70.05
N TYR C 100 20.53 -22.11 70.12
CA TYR C 100 20.42 -23.39 70.80
C TYR C 100 20.55 -24.45 69.72
N LYS C 101 21.00 -25.65 70.10
CA LYS C 101 21.15 -26.72 69.12
C LYS C 101 20.62 -28.06 69.58
N GLU C 102 20.58 -28.99 68.64
CA GLU C 102 20.10 -30.34 68.88
C GLU C 102 20.61 -31.16 67.69
N THR C 103 20.64 -32.48 67.83
CA THR C 103 21.08 -33.29 66.72
C THR C 103 19.80 -33.59 65.95
N ASN C 104 19.87 -33.52 64.63
CA ASN C 104 18.71 -33.81 63.79
C ASN C 104 19.02 -35.05 62.93
N THR C 105 19.05 -36.21 63.61
CA THR C 105 19.35 -37.48 62.99
C THR C 105 18.16 -38.25 62.39
N ILE C 106 18.29 -38.66 61.14
CA ILE C 106 17.25 -39.45 60.47
C ILE C 106 17.74 -40.89 60.37
N LEU C 107 17.02 -41.80 61.01
CA LEU C 107 17.42 -43.19 61.01
C LEU C 107 16.86 -43.97 59.83
N SER C 108 15.74 -43.51 59.30
CA SER C 108 15.12 -44.16 58.14
C SER C 108 14.12 -43.19 57.51
N TRP C 109 13.81 -43.43 56.25
CA TRP C 109 12.88 -42.56 55.55
C TRP C 109 12.28 -43.30 54.37
N SER C 110 10.96 -43.24 54.24
CA SER C 110 10.32 -43.91 53.13
C SER C 110 9.23 -42.99 52.58
N PHE C 111 8.91 -43.17 51.31
CA PHE C 111 7.91 -42.36 50.66
C PHE C 111 7.18 -43.19 49.61
N THR C 112 5.88 -42.95 49.46
CA THR C 112 5.10 -43.65 48.46
C THR C 112 4.17 -42.66 47.82
N SER C 113 4.06 -42.73 46.50
CA SER C 113 3.20 -41.81 45.76
C SER C 113 2.48 -42.57 44.67
N LYS C 114 1.15 -42.42 44.61
CA LYS C 114 0.34 -43.11 43.60
C LYS C 114 -0.58 -42.14 42.88
N LEU C 115 -0.57 -42.24 41.55
CA LEU C 115 -1.39 -41.38 40.71
C LEU C 115 -2.29 -42.28 39.85
N LYS C 116 -3.59 -42.30 40.15
CA LYS C 116 -4.52 -43.12 39.41
C LYS C 116 -5.20 -42.25 38.35
N SER C 117 -4.76 -42.38 37.10
CA SER C 117 -5.32 -41.59 36.01
C SER C 117 -6.70 -42.09 35.63
N ASN C 118 -7.44 -41.24 34.93
CA ASN C 118 -8.79 -41.58 34.49
C ASN C 118 -8.76 -42.55 33.30
N SER C 119 -8.51 -43.82 33.62
CA SER C 119 -8.44 -44.90 32.63
C SER C 119 -8.49 -46.21 33.41
N THR C 120 -9.15 -47.22 32.82
CA THR C 120 -9.34 -48.54 33.44
C THR C 120 -8.15 -49.05 34.24
N HIS C 121 -8.06 -48.62 35.50
CA HIS C 121 -6.99 -49.01 36.40
C HIS C 121 -5.60 -48.73 35.82
N GLU C 122 -5.28 -47.44 35.67
CA GLU C 122 -3.99 -47.02 35.15
C GLU C 122 -3.29 -46.20 36.21
N THR C 123 -2.47 -46.87 37.03
CA THR C 123 -1.77 -46.21 38.11
C THR C 123 -0.26 -46.03 37.88
N ASN C 124 0.24 -44.85 38.23
CA ASN C 124 1.65 -44.56 38.15
C ASN C 124 2.04 -44.49 39.62
N ALA C 125 3.19 -45.04 39.99
CA ALA C 125 3.59 -45.01 41.38
C ALA C 125 5.08 -44.93 41.57
N LEU C 126 5.48 -44.35 42.70
CA LEU C 126 6.87 -44.22 43.05
C LEU C 126 6.99 -44.60 44.51
N HIS C 127 8.04 -45.33 44.85
CA HIS C 127 8.26 -45.74 46.23
C HIS C 127 9.75 -45.94 46.53
N PHE C 128 10.22 -45.33 47.60
CA PHE C 128 11.61 -45.54 47.98
C PHE C 128 11.66 -45.69 49.48
N MET C 129 12.55 -46.54 49.96
CA MET C 129 12.69 -46.78 51.38
C MET C 129 14.16 -46.83 51.75
N PHE C 130 14.56 -45.96 52.67
CA PHE C 130 15.94 -45.90 53.14
C PHE C 130 15.99 -46.36 54.58
N ASN C 131 16.61 -47.51 54.86
CA ASN C 131 16.72 -47.96 56.23
C ASN C 131 18.12 -47.72 56.73
N GLN C 132 19.01 -47.39 55.80
CA GLN C 132 20.37 -47.09 56.17
C GLN C 132 21.01 -46.31 55.02
N PHE C 133 21.61 -45.18 55.37
CA PHE C 133 22.26 -44.32 54.40
C PHE C 133 23.75 -44.61 54.35
N SER C 134 24.33 -44.55 53.16
CA SER C 134 25.76 -44.81 52.99
C SER C 134 26.53 -43.50 52.78
N LYS C 135 27.86 -43.57 52.85
CA LYS C 135 28.69 -42.38 52.68
C LYS C 135 28.43 -41.70 51.35
N ASP C 136 28.17 -42.50 50.32
CA ASP C 136 27.89 -41.95 49.00
C ASP C 136 26.51 -42.35 48.51
N GLN C 137 25.50 -41.63 48.98
CA GLN C 137 24.11 -41.89 48.64
C GLN C 137 23.76 -41.11 47.36
N LYS C 138 24.02 -41.71 46.21
CA LYS C 138 23.77 -41.04 44.93
C LYS C 138 22.32 -40.74 44.55
N ASP C 139 21.35 -41.35 45.24
CA ASP C 139 19.95 -41.05 44.91
C ASP C 139 19.40 -39.94 45.79
N LEU C 140 20.30 -39.30 46.55
CA LEU C 140 19.93 -38.18 47.43
C LEU C 140 20.74 -36.92 47.09
N ILE C 141 20.10 -35.77 47.22
CA ILE C 141 20.76 -34.49 46.97
C ILE C 141 20.95 -33.86 48.35
N LEU C 142 22.20 -33.75 48.79
CA LEU C 142 22.45 -33.16 50.08
C LEU C 142 22.78 -31.68 49.91
N GLN C 143 22.10 -30.83 50.67
CA GLN C 143 22.32 -29.39 50.62
C GLN C 143 22.75 -28.92 52.01
N GLY C 144 23.41 -27.77 52.09
CA GLY C 144 23.86 -27.27 53.37
C GLY C 144 24.79 -28.22 54.12
N ASP C 145 24.62 -28.32 55.44
CA ASP C 145 25.45 -29.18 56.28
C ASP C 145 25.06 -30.65 56.35
N ALA C 146 24.09 -31.06 55.54
CA ALA C 146 23.64 -32.45 55.55
C ALA C 146 24.76 -33.43 55.15
N THR C 147 24.79 -34.59 55.79
CA THR C 147 25.80 -35.62 55.48
C THR C 147 25.24 -36.99 55.80
N THR C 148 25.77 -38.02 55.14
CA THR C 148 25.32 -39.38 55.37
C THR C 148 26.52 -40.27 55.55
N GLY C 149 26.36 -41.35 56.32
CA GLY C 149 27.47 -42.26 56.53
C GLY C 149 27.71 -42.79 57.93
N THR C 150 27.65 -41.91 58.92
CA THR C 150 27.89 -42.31 60.31
C THR C 150 26.77 -43.21 60.85
N ASP C 151 27.14 -44.42 61.25
CA ASP C 151 26.20 -45.38 61.79
C ASP C 151 25.10 -45.70 60.77
N GLY C 152 25.29 -45.23 59.55
CA GLY C 152 24.31 -45.48 58.50
C GLY C 152 23.09 -44.61 58.65
N ASN C 153 23.30 -43.39 59.14
CA ASN C 153 22.21 -42.44 59.36
C ASN C 153 22.42 -41.20 58.52
N LEU C 154 21.39 -40.39 58.46
CA LEU C 154 21.46 -39.15 57.73
C LEU C 154 21.47 -38.06 58.82
N GLU C 155 22.57 -37.33 58.89
CA GLU C 155 22.69 -36.24 59.86
C GLU C 155 22.40 -34.96 59.09
N LEU C 156 21.21 -34.40 59.32
CA LEU C 156 20.79 -33.19 58.64
C LEU C 156 21.61 -31.95 58.97
N THR C 157 22.02 -31.79 60.23
CA THR C 157 22.80 -30.61 60.62
C THR C 157 24.17 -31.03 61.19
N ARG C 158 25.10 -30.07 61.26
CA ARG C 158 26.45 -30.33 61.76
C ARG C 158 26.54 -31.01 63.13
N VAL C 159 27.45 -31.97 63.22
CA VAL C 159 27.68 -32.70 64.46
C VAL C 159 29.20 -32.88 64.63
N SER C 160 29.71 -32.58 65.81
CA SER C 160 31.14 -32.71 66.06
C SER C 160 31.57 -34.17 65.99
N SER C 161 32.88 -34.39 65.93
CA SER C 161 33.44 -35.73 65.84
C SER C 161 33.01 -36.61 67.02
N ASN C 162 32.82 -36.00 68.19
CA ASN C 162 32.41 -36.71 69.40
C ASN C 162 30.90 -36.94 69.44
N GLY C 163 30.15 -36.14 68.69
CA GLY C 163 28.70 -36.29 68.65
C GLY C 163 27.89 -35.11 69.14
N SER C 164 28.54 -33.98 69.39
CA SER C 164 27.84 -32.80 69.85
C SER C 164 27.29 -31.95 68.72
N PRO C 165 26.00 -31.60 68.80
CA PRO C 165 25.41 -30.79 67.73
C PRO C 165 26.08 -29.41 67.74
N GLN C 166 26.02 -28.71 66.61
CA GLN C 166 26.63 -27.38 66.50
C GLN C 166 25.53 -26.35 66.25
N GLY C 167 25.77 -25.12 66.70
CA GLY C 167 24.79 -24.07 66.49
C GLY C 167 24.88 -23.52 65.08
N SER C 168 23.91 -22.70 64.69
CA SER C 168 23.87 -22.10 63.36
C SER C 168 24.16 -23.10 62.25
N SER C 169 23.28 -24.07 62.07
CA SER C 169 23.46 -25.07 61.03
C SER C 169 22.18 -25.33 60.24
N VAL C 170 22.31 -25.56 58.94
CA VAL C 170 21.17 -25.85 58.08
C VAL C 170 21.52 -27.05 57.21
N GLY C 171 20.54 -27.91 56.97
CA GLY C 171 20.80 -29.06 56.15
C GLY C 171 19.51 -29.59 55.56
N ARG C 172 19.61 -30.11 54.35
CA ARG C 172 18.47 -30.67 53.64
C ARG C 172 18.90 -31.88 52.82
N ALA C 173 17.95 -32.79 52.60
CA ALA C 173 18.20 -33.98 51.80
C ALA C 173 16.96 -34.18 50.94
N LEU C 174 17.14 -34.13 49.62
CA LEU C 174 16.01 -34.30 48.72
C LEU C 174 16.21 -35.53 47.86
N PHE C 175 15.13 -36.27 47.59
CA PHE C 175 15.25 -37.45 46.75
C PHE C 175 15.55 -36.95 45.35
N TYR C 176 16.54 -37.58 44.72
CA TYR C 176 17.01 -37.20 43.39
C TYR C 176 15.96 -37.04 42.29
N ALA C 177 15.09 -38.03 42.13
CA ALA C 177 14.09 -37.99 41.07
C ALA C 177 12.89 -37.12 41.37
N PRO C 178 12.42 -36.37 40.35
CA PRO C 178 11.25 -35.50 40.50
C PRO C 178 10.04 -36.39 40.77
N VAL C 179 9.03 -35.83 41.43
CA VAL C 179 7.85 -36.59 41.75
C VAL C 179 6.60 -35.93 41.14
N HIS C 180 5.85 -36.72 40.38
CA HIS C 180 4.63 -36.22 39.78
C HIS C 180 3.59 -36.26 40.90
N ILE C 181 3.37 -35.13 41.55
CA ILE C 181 2.46 -35.06 42.69
C ILE C 181 0.97 -34.94 42.38
N TRP C 182 0.61 -34.35 41.25
CA TRP C 182 -0.81 -34.23 40.89
C TRP C 182 -1.01 -34.11 39.41
N GLU C 183 -2.24 -34.31 38.96
CA GLU C 183 -2.54 -34.18 37.54
C GLU C 183 -3.97 -33.68 37.35
N SER C 184 -4.18 -32.98 36.24
CA SER C 184 -5.48 -32.40 35.89
C SER C 184 -6.67 -33.36 35.92
N SER C 185 -6.44 -34.62 35.56
CA SER C 185 -7.53 -35.59 35.53
C SER C 185 -7.37 -36.82 36.44
N ALA C 186 -6.45 -36.77 37.40
CA ALA C 186 -6.23 -37.91 38.29
C ALA C 186 -7.45 -38.20 39.18
N VAL C 187 -8.03 -39.39 38.99
CA VAL C 187 -9.18 -39.82 39.76
C VAL C 187 -8.82 -39.78 41.23
N VAL C 188 -7.63 -40.29 41.55
CA VAL C 188 -7.15 -40.32 42.92
C VAL C 188 -5.64 -40.08 42.91
N ALA C 189 -5.18 -39.23 43.82
CA ALA C 189 -3.75 -38.94 43.95
C ALA C 189 -3.49 -39.02 45.45
N SER C 190 -2.34 -39.54 45.83
CA SER C 190 -2.06 -39.68 47.23
C SER C 190 -0.59 -39.99 47.48
N PHE C 191 -0.14 -39.72 48.70
CA PHE C 191 1.21 -40.00 49.08
C PHE C 191 1.31 -40.14 50.59
N GLU C 192 2.32 -40.85 51.06
CA GLU C 192 2.52 -41.00 52.48
C GLU C 192 4.02 -41.13 52.70
N ALA C 193 4.53 -40.32 53.64
CA ALA C 193 5.94 -40.31 53.97
C ALA C 193 6.08 -40.75 55.41
N THR C 194 7.19 -41.42 55.72
CA THR C 194 7.45 -41.88 57.07
C THR C 194 8.94 -41.75 57.35
N PHE C 195 9.27 -41.39 58.59
CA PHE C 195 10.67 -41.29 58.99
C PHE C 195 10.84 -41.31 60.50
N THR C 196 11.91 -41.95 60.95
CA THR C 196 12.22 -42.02 62.36
C THR C 196 13.39 -41.08 62.61
N PHE C 197 13.26 -40.25 63.62
CA PHE C 197 14.28 -39.27 63.94
C PHE C 197 14.75 -39.41 65.38
N LEU C 198 15.94 -38.88 65.65
CA LEU C 198 16.51 -38.88 66.98
C LEU C 198 17.05 -37.49 67.25
N ILE C 199 16.33 -36.73 68.10
CA ILE C 199 16.75 -35.37 68.47
C ILE C 199 17.31 -35.35 69.89
N LYS C 200 18.59 -35.03 70.02
CA LYS C 200 19.25 -34.97 71.31
C LYS C 200 19.84 -33.58 71.49
N SER C 201 19.78 -33.06 72.71
CA SER C 201 20.33 -31.74 72.99
C SER C 201 21.08 -31.73 74.33
N PRO C 202 22.30 -31.16 74.33
CA PRO C 202 23.12 -31.09 75.55
C PRO C 202 22.74 -29.88 76.39
N ASP C 203 22.53 -28.75 75.73
CA ASP C 203 22.17 -27.52 76.43
C ASP C 203 20.75 -27.59 76.97
N SER C 204 20.26 -26.46 77.47
CA SER C 204 18.94 -26.39 78.04
C SER C 204 17.88 -26.80 77.03
N HIS C 205 17.20 -25.81 76.45
CA HIS C 205 16.16 -26.10 75.47
C HIS C 205 16.75 -26.31 74.07
N PRO C 206 16.30 -27.36 73.37
CA PRO C 206 16.78 -27.66 72.01
C PRO C 206 16.11 -26.79 70.94
N ALA C 207 16.70 -26.76 69.75
CA ALA C 207 16.18 -25.99 68.62
C ALA C 207 17.01 -26.32 67.39
N ASP C 208 16.41 -26.23 66.19
CA ASP C 208 15.14 -25.53 66.01
C ASP C 208 14.03 -26.45 65.47
N GLY C 209 14.42 -27.63 64.98
CA GLY C 209 13.44 -28.56 64.47
C GLY C 209 13.77 -29.27 63.17
N ILE C 210 12.87 -30.18 62.80
CA ILE C 210 12.99 -30.97 61.58
C ILE C 210 11.70 -30.78 60.79
N ALA C 211 11.79 -30.85 59.47
CA ALA C 211 10.58 -30.70 58.67
C ALA C 211 10.61 -31.56 57.43
N PHE C 212 9.44 -32.06 57.07
CA PHE C 212 9.31 -32.84 55.85
C PHE C 212 8.74 -31.82 54.87
N PHE C 213 9.31 -31.71 53.68
CA PHE C 213 8.79 -30.73 52.75
C PHE C 213 8.70 -31.17 51.29
N ILE C 214 7.83 -30.47 50.57
CA ILE C 214 7.58 -30.69 49.16
C ILE C 214 7.82 -29.33 48.52
N SER C 215 8.64 -29.29 47.47
CA SER C 215 8.97 -28.02 46.83
C SER C 215 9.16 -28.15 45.34
N ASN C 216 9.37 -27.01 44.68
CA ASN C 216 9.61 -27.02 43.25
C ASN C 216 10.93 -27.78 43.11
N ILE C 217 11.13 -28.38 41.94
CA ILE C 217 12.31 -29.19 41.66
C ILE C 217 13.68 -28.57 41.92
N ASP C 218 13.89 -27.32 41.52
CA ASP C 218 15.18 -26.65 41.68
C ASP C 218 15.37 -25.90 42.99
N SER C 219 14.54 -26.20 43.98
CA SER C 219 14.63 -25.54 45.28
C SER C 219 15.98 -25.71 45.96
N SER C 220 16.33 -24.73 46.79
CA SER C 220 17.57 -24.77 47.54
C SER C 220 17.43 -23.92 48.81
N ILE C 221 18.36 -24.12 49.74
CA ILE C 221 18.34 -23.40 51.02
C ILE C 221 18.45 -21.90 50.87
N PRO C 222 17.43 -21.16 51.33
CA PRO C 222 17.40 -19.70 51.28
C PRO C 222 18.52 -19.17 52.15
N SER C 223 18.99 -17.96 51.89
CA SER C 223 20.06 -17.39 52.71
C SER C 223 19.56 -16.97 54.09
N GLY C 224 20.33 -17.31 55.11
CA GLY C 224 19.96 -16.96 56.47
C GLY C 224 18.74 -17.68 57.01
N SER C 225 18.39 -18.81 56.40
CA SER C 225 17.24 -19.56 56.89
C SER C 225 17.60 -20.56 58.00
N THR C 226 18.63 -20.25 58.79
CA THR C 226 19.02 -21.11 59.89
C THR C 226 18.07 -20.78 61.03
N GLY C 227 18.23 -21.49 62.16
CA GLY C 227 17.38 -21.25 63.32
C GLY C 227 15.88 -21.36 63.05
N ARG C 228 15.14 -20.39 63.57
CA ARG C 228 13.69 -20.34 63.46
C ARG C 228 13.09 -20.60 62.07
N LEU C 229 13.87 -20.38 61.01
CA LEU C 229 13.34 -20.59 59.66
C LEU C 229 13.42 -22.02 59.09
N LEU C 230 13.97 -22.93 59.87
CA LEU C 230 14.07 -24.35 59.49
C LEU C 230 14.67 -24.66 58.12
N GLY C 231 15.42 -23.71 57.57
CA GLY C 231 16.03 -23.93 56.27
C GLY C 231 15.00 -24.04 55.16
N LEU C 232 13.80 -23.54 55.42
CA LEU C 232 12.73 -23.60 54.44
C LEU C 232 12.30 -22.25 53.87
N PHE C 233 12.23 -21.24 54.73
CA PHE C 233 11.77 -19.92 54.29
C PHE C 233 12.83 -18.83 54.40
N PRO C 234 12.77 -17.84 53.50
CA PRO C 234 13.72 -16.73 53.49
C PRO C 234 13.42 -15.69 54.56
N ASP C 235 12.14 -15.52 54.88
CA ASP C 235 11.71 -14.57 55.89
C ASP C 235 10.57 -15.16 56.72
N ALA C 236 10.16 -14.45 57.78
CA ALA C 236 9.09 -14.94 58.64
C ALA C 236 7.68 -14.42 58.30
N ASN C 237 7.43 -14.15 57.02
CA ASN C 237 6.12 -13.68 56.56
C ASN C 237 5.17 -14.84 56.34
N ALA D 1 34.74 -46.45 27.88
CA ALA D 1 33.42 -46.86 27.33
C ALA D 1 32.40 -47.06 28.45
N ASP D 2 31.32 -47.77 28.15
CA ASP D 2 30.29 -48.04 29.14
C ASP D 2 30.26 -49.51 29.51
N THR D 3 29.57 -49.81 30.61
CA THR D 3 29.41 -51.18 31.04
C THR D 3 27.94 -51.45 30.85
N ILE D 4 27.60 -52.34 29.92
CA ILE D 4 26.22 -52.64 29.64
C ILE D 4 25.84 -54.09 29.91
N VAL D 5 24.67 -54.27 30.50
CA VAL D 5 24.13 -55.61 30.76
C VAL D 5 22.72 -55.41 30.21
N ALA D 6 22.30 -56.30 29.32
CA ALA D 6 20.98 -56.14 28.73
C ALA D 6 20.28 -57.43 28.34
N VAL D 7 18.97 -57.33 28.23
CA VAL D 7 18.15 -58.44 27.81
C VAL D 7 17.52 -57.90 26.55
N GLU D 8 17.90 -58.48 25.41
CA GLU D 8 17.40 -58.02 24.12
C GLU D 8 16.26 -58.82 23.54
N LEU D 9 15.36 -58.11 22.87
CA LEU D 9 14.23 -58.72 22.18
C LEU D 9 14.60 -58.39 20.73
N ASP D 10 15.49 -59.21 20.18
CA ASP D 10 15.99 -59.01 18.82
C ASP D 10 14.99 -59.46 17.77
N THR D 11 14.50 -58.54 16.95
CA THR D 11 13.53 -58.91 15.93
C THR D 11 14.14 -59.30 14.58
N TYR D 12 15.36 -58.86 14.31
CA TYR D 12 16.00 -59.15 13.03
C TYR D 12 17.29 -59.93 13.19
N PRO D 13 17.40 -61.07 12.50
CA PRO D 13 18.62 -61.85 12.63
C PRO D 13 19.77 -61.41 11.75
N ASN D 14 20.85 -60.99 12.40
CA ASN D 14 22.08 -60.57 11.72
C ASN D 14 23.10 -61.67 11.97
N THR D 15 22.90 -62.80 11.29
CA THR D 15 23.79 -63.94 11.42
C THR D 15 25.24 -63.60 11.08
N ASP D 16 25.49 -62.39 10.61
CA ASP D 16 26.85 -62.00 10.29
C ASP D 16 27.63 -61.57 11.55
N ILE D 17 26.94 -61.49 12.69
CA ILE D 17 27.61 -61.11 13.92
C ILE D 17 27.26 -62.04 15.08
N GLY D 18 26.55 -63.12 14.80
CA GLY D 18 26.21 -64.07 15.85
C GLY D 18 24.74 -64.42 16.03
N ASP D 19 23.86 -63.56 15.54
CA ASP D 19 22.45 -63.80 15.67
C ASP D 19 22.02 -65.15 15.12
N PRO D 20 21.15 -65.86 15.83
CA PRO D 20 20.72 -67.15 15.28
C PRO D 20 19.81 -66.72 14.10
N SER D 21 19.41 -67.65 13.24
CA SER D 21 18.61 -67.27 12.08
C SER D 21 17.11 -67.12 12.32
N TYR D 22 16.74 -66.32 13.31
CA TYR D 22 15.33 -66.09 13.62
C TYR D 22 15.19 -65.14 14.80
N PRO D 23 14.02 -64.52 14.96
CA PRO D 23 13.84 -63.60 16.08
C PRO D 23 14.17 -64.35 17.37
N HIS D 24 14.85 -63.66 18.29
CA HIS D 24 15.26 -64.29 19.53
C HIS D 24 15.34 -63.27 20.64
N ILE D 25 15.50 -63.79 21.85
CA ILE D 25 15.68 -62.94 23.02
C ILE D 25 17.00 -63.45 23.54
N GLY D 26 17.81 -62.57 24.10
CA GLY D 26 19.10 -63.01 24.62
C GLY D 26 19.63 -62.11 25.72
N ILE D 27 20.64 -62.61 26.42
CA ILE D 27 21.26 -61.84 27.48
C ILE D 27 22.64 -61.35 27.02
N ASP D 28 22.82 -60.04 27.07
CA ASP D 28 24.07 -59.43 26.64
C ASP D 28 24.88 -58.91 27.81
N ILE D 29 26.16 -59.29 27.86
CA ILE D 29 27.03 -58.82 28.92
C ILE D 29 28.22 -58.09 28.30
N LYS D 30 28.15 -56.78 28.21
CA LYS D 30 29.23 -55.97 27.64
C LYS D 30 29.41 -56.12 26.14
N SER D 31 28.64 -56.99 25.51
CA SER D 31 28.73 -57.19 24.06
C SER D 31 27.40 -57.52 23.40
N VAL D 32 27.23 -57.10 22.16
CA VAL D 32 25.99 -57.36 21.44
C VAL D 32 25.85 -58.84 21.09
N ARG D 33 26.95 -59.58 21.19
CA ARG D 33 26.93 -61.01 20.92
C ARG D 33 26.44 -61.73 22.18
N SER D 34 25.13 -61.98 22.25
CA SER D 34 24.50 -62.62 23.39
C SER D 34 25.25 -63.84 23.95
N LYS D 35 25.31 -63.95 25.27
CA LYS D 35 25.97 -65.08 25.91
C LYS D 35 25.06 -66.29 25.84
N LYS D 36 23.77 -66.05 25.67
CA LYS D 36 22.79 -67.13 25.58
C LYS D 36 21.52 -66.57 24.94
N THR D 37 20.87 -67.37 24.10
CA THR D 37 19.66 -66.92 23.42
C THR D 37 18.54 -67.95 23.47
N ALA D 38 17.41 -67.61 22.85
CA ALA D 38 16.25 -68.50 22.83
C ALA D 38 15.36 -68.07 21.68
N LYS D 39 14.88 -69.01 20.87
CA LYS D 39 14.04 -68.54 19.78
C LYS D 39 12.77 -67.94 20.34
N TRP D 40 12.40 -66.80 19.80
CA TRP D 40 11.23 -66.07 20.21
C TRP D 40 10.26 -65.96 19.04
N ASN D 41 9.03 -66.42 19.25
CA ASN D 41 7.98 -66.36 18.22
C ASN D 41 7.34 -64.98 18.19
N MET D 42 8.09 -64.02 17.68
CA MET D 42 7.65 -62.64 17.57
C MET D 42 6.29 -62.58 16.87
N GLN D 43 5.37 -61.75 17.38
CA GLN D 43 4.06 -61.63 16.75
C GLN D 43 3.73 -60.16 16.46
N ASN D 44 4.05 -59.74 15.24
CA ASN D 44 3.84 -58.36 14.80
C ASN D 44 2.40 -57.87 14.98
N GLY D 45 2.27 -56.70 15.61
CA GLY D 45 0.98 -56.12 15.83
C GLY D 45 0.36 -56.40 17.19
N LYS D 46 0.93 -57.36 17.92
CA LYS D 46 0.39 -57.72 19.23
C LYS D 46 1.16 -57.15 20.43
N VAL D 47 0.42 -56.80 21.47
CA VAL D 47 1.02 -56.27 22.70
C VAL D 47 1.61 -57.45 23.46
N GLY D 48 2.90 -57.37 23.79
CA GLY D 48 3.55 -58.46 24.51
C GLY D 48 4.04 -58.02 25.87
N THR D 49 4.61 -58.95 26.62
CA THR D 49 5.12 -58.65 27.96
C THR D 49 6.48 -59.26 28.20
N ALA D 50 7.36 -58.47 28.80
CA ALA D 50 8.71 -58.90 29.10
C ALA D 50 8.84 -58.83 30.60
N HIS D 51 9.46 -59.85 31.18
CA HIS D 51 9.65 -59.92 32.62
C HIS D 51 11.09 -60.32 32.89
N ILE D 52 11.85 -59.48 33.59
CA ILE D 52 13.25 -59.79 33.91
C ILE D 52 13.42 -59.85 35.43
N ILE D 53 14.18 -60.83 35.89
CA ILE D 53 14.40 -60.99 37.33
C ILE D 53 15.85 -61.38 37.61
N TYR D 54 16.30 -61.05 38.82
CA TYR D 54 17.65 -61.37 39.25
C TYR D 54 17.75 -61.29 40.77
N ASN D 55 18.47 -62.23 41.37
CA ASN D 55 18.69 -62.19 42.81
C ASN D 55 20.14 -62.61 43.06
N SER D 56 20.77 -61.98 44.06
CA SER D 56 22.17 -62.25 44.37
C SER D 56 22.43 -63.58 45.04
N VAL D 57 21.38 -64.30 45.39
CA VAL D 57 21.58 -65.59 46.03
C VAL D 57 21.95 -66.61 44.96
N ASP D 58 21.18 -66.65 43.88
CA ASP D 58 21.43 -67.57 42.77
C ASP D 58 22.37 -66.99 41.72
N LYS D 59 22.43 -65.66 41.66
CA LYS D 59 23.29 -64.98 40.68
C LYS D 59 22.92 -65.47 39.29
N ARG D 60 21.64 -65.34 39.09
CA ARG D 60 21.00 -65.81 37.91
C ARG D 60 20.10 -64.77 37.26
N LEU D 61 20.40 -64.37 36.03
CA LEU D 61 19.56 -63.40 35.33
C LEU D 61 18.64 -64.14 34.38
N SER D 62 17.33 -63.96 34.56
CA SER D 62 16.35 -64.63 33.71
C SER D 62 15.35 -63.66 33.10
N ALA D 63 14.81 -64.07 31.96
CA ALA D 63 13.82 -63.25 31.25
C ALA D 63 12.75 -64.14 30.63
N VAL D 64 11.52 -63.63 30.61
CA VAL D 64 10.40 -64.34 30.04
C VAL D 64 9.68 -63.37 29.10
N VAL D 65 9.34 -63.84 27.91
CA VAL D 65 8.62 -62.98 26.99
C VAL D 65 7.48 -63.78 26.40
N SER D 66 6.28 -63.25 26.51
CA SER D 66 5.13 -63.97 25.98
C SER D 66 4.04 -63.04 25.48
N TYR D 67 3.10 -63.64 24.76
CA TYR D 67 1.95 -62.94 24.22
C TYR D 67 0.74 -63.66 24.80
N PRO D 68 -0.37 -62.94 25.00
CA PRO D 68 -1.57 -63.57 25.56
C PRO D 68 -1.97 -64.83 24.79
N ASN D 69 -2.25 -65.90 25.52
CA ASN D 69 -2.66 -67.17 24.91
C ASN D 69 -1.65 -67.66 23.89
N ALA D 70 -0.40 -67.76 24.29
CA ALA D 70 0.66 -68.22 23.41
C ALA D 70 1.80 -68.74 24.27
N ASP D 71 2.78 -69.38 23.65
CA ASP D 71 3.89 -69.90 24.42
C ASP D 71 4.85 -68.76 24.75
N SER D 72 5.75 -69.04 25.67
CA SER D 72 6.71 -68.04 26.10
C SER D 72 8.13 -68.42 25.77
N ALA D 73 8.97 -67.41 25.61
CA ALA D 73 10.37 -67.63 25.36
C ALA D 73 11.05 -67.36 26.71
N THR D 74 12.04 -68.17 27.05
CA THR D 74 12.73 -68.00 28.32
C THR D 74 14.21 -68.16 28.11
N VAL D 75 14.99 -67.32 28.78
CA VAL D 75 16.44 -67.39 28.67
C VAL D 75 17.04 -67.03 30.03
N SER D 76 18.05 -67.79 30.45
CA SER D 76 18.72 -67.54 31.73
C SER D 76 20.23 -67.62 31.55
N TYR D 77 20.95 -67.05 32.49
CA TYR D 77 22.40 -67.05 32.41
C TYR D 77 23.00 -66.74 33.78
N ASP D 78 23.93 -67.57 34.23
CA ASP D 78 24.55 -67.37 35.52
C ASP D 78 25.59 -66.25 35.44
N VAL D 79 25.41 -65.21 36.23
CA VAL D 79 26.32 -64.08 36.21
C VAL D 79 26.32 -63.30 37.53
N ASP D 80 27.52 -63.07 38.06
CA ASP D 80 27.67 -62.32 39.30
C ASP D 80 27.77 -60.87 38.87
N LEU D 81 26.68 -60.14 39.00
CA LEU D 81 26.64 -58.75 38.58
C LEU D 81 27.61 -57.85 39.34
N ASP D 82 28.14 -58.35 40.45
CA ASP D 82 29.09 -57.58 41.24
C ASP D 82 30.39 -57.38 40.47
N ASN D 83 30.79 -58.41 39.74
CA ASN D 83 32.01 -58.35 38.95
C ASN D 83 31.79 -57.69 37.60
N VAL D 84 30.56 -57.29 37.29
CA VAL D 84 30.32 -56.69 35.99
C VAL D 84 29.91 -55.23 36.02
N LEU D 85 29.11 -54.85 37.01
CA LEU D 85 28.64 -53.47 37.10
C LEU D 85 29.13 -52.74 38.34
N PRO D 86 29.13 -51.40 38.27
CA PRO D 86 29.54 -50.55 39.40
C PRO D 86 28.38 -50.65 40.37
N GLU D 87 28.53 -50.25 41.62
CA GLU D 87 27.38 -50.42 42.50
C GLU D 87 26.22 -49.46 42.28
N TRP D 88 26.47 -48.33 41.64
CA TRP D 88 25.40 -47.39 41.33
C TRP D 88 25.23 -47.36 39.82
N VAL D 89 24.02 -47.61 39.35
CA VAL D 89 23.77 -47.66 37.93
C VAL D 89 22.46 -46.99 37.58
N ARG D 90 22.12 -47.02 36.30
CA ARG D 90 20.86 -46.45 35.81
C ARG D 90 20.21 -47.54 34.99
N VAL D 91 18.88 -47.55 34.98
CA VAL D 91 18.14 -48.57 34.22
C VAL D 91 17.31 -47.92 33.13
N GLY D 92 17.16 -48.63 32.01
CA GLY D 92 16.37 -48.06 30.94
C GLY D 92 15.95 -49.00 29.82
N LEU D 93 15.32 -48.40 28.81
CA LEU D 93 14.85 -49.12 27.65
C LEU D 93 15.53 -48.52 26.43
N SER D 94 15.85 -49.37 25.47
CA SER D 94 16.51 -48.93 24.26
C SER D 94 15.91 -49.66 23.06
N ALA D 95 15.97 -49.02 21.90
CA ALA D 95 15.46 -49.64 20.67
C ALA D 95 16.05 -48.95 19.45
N SER D 96 15.94 -49.61 18.30
CA SER D 96 16.48 -49.05 17.08
C SER D 96 15.84 -49.64 15.85
N THR D 97 16.17 -49.05 14.71
CA THR D 97 15.71 -49.49 13.39
C THR D 97 16.89 -49.18 12.48
N GLY D 98 16.90 -49.74 11.28
CA GLY D 98 18.00 -49.48 10.37
C GLY D 98 17.45 -49.43 8.96
N LEU D 99 17.85 -50.41 8.16
CA LEU D 99 17.37 -50.49 6.79
C LEU D 99 15.88 -50.85 6.88
N TYR D 100 15.56 -51.75 7.80
CA TYR D 100 14.20 -52.17 8.04
C TYR D 100 13.71 -51.48 9.32
N LYS D 101 12.39 -51.35 9.48
CA LYS D 101 11.85 -50.68 10.66
C LYS D 101 10.63 -51.33 11.30
N GLU D 102 10.30 -50.84 12.49
CA GLU D 102 9.17 -51.31 13.28
C GLU D 102 8.89 -50.23 14.30
N THR D 103 7.73 -50.30 14.94
CA THR D 103 7.40 -49.33 15.96
C THR D 103 7.85 -49.99 17.24
N ASN D 104 8.63 -49.28 18.05
CA ASN D 104 9.12 -49.80 19.32
C ASN D 104 8.37 -49.05 20.41
N THR D 105 7.08 -49.36 20.55
CA THR D 105 6.21 -48.71 21.53
C THR D 105 6.16 -49.41 22.88
N ILE D 106 6.30 -48.64 23.95
CA ILE D 106 6.25 -49.15 25.31
C ILE D 106 4.96 -48.66 25.94
N LEU D 107 4.11 -49.59 26.37
CA LEU D 107 2.82 -49.23 26.96
C LEU D 107 2.88 -49.07 28.48
N SER D 108 3.83 -49.74 29.12
CA SER D 108 4.01 -49.65 30.56
C SER D 108 5.38 -50.17 30.95
N TRP D 109 5.85 -49.74 32.12
CA TRP D 109 7.16 -50.15 32.59
C TRP D 109 7.26 -49.97 34.10
N SER D 110 7.62 -51.04 34.80
CA SER D 110 7.77 -51.01 36.25
C SER D 110 9.12 -51.63 36.59
N PHE D 111 9.63 -51.32 37.77
CA PHE D 111 10.92 -51.83 38.22
C PHE D 111 10.95 -51.82 39.73
N THR D 112 11.59 -52.84 40.31
CA THR D 112 11.70 -52.92 41.76
C THR D 112 13.09 -53.41 42.12
N SER D 113 13.70 -52.75 43.09
CA SER D 113 15.03 -53.11 43.53
C SER D 113 15.08 -53.14 45.06
N LYS D 114 15.60 -54.22 45.63
CA LYS D 114 15.68 -54.36 47.08
C LYS D 114 17.08 -54.77 47.50
N LEU D 115 17.56 -54.14 48.58
CA LEU D 115 18.88 -54.42 49.12
C LEU D 115 18.78 -54.64 50.63
N LYS D 116 19.12 -55.84 51.12
CA LYS D 116 19.10 -56.13 52.56
C LYS D 116 20.55 -56.19 53.03
N SER D 117 20.94 -55.27 53.91
CA SER D 117 22.33 -55.20 54.38
C SER D 117 22.68 -56.01 55.62
N ASN D 118 23.92 -55.83 56.07
CA ASN D 118 24.51 -56.49 57.23
C ASN D 118 23.82 -56.12 58.54
N SER D 119 22.49 -56.00 58.53
CA SER D 119 21.76 -55.65 59.73
C SER D 119 20.36 -56.26 59.76
N THR D 120 19.79 -56.32 60.95
CA THR D 120 18.46 -56.90 61.17
C THR D 120 17.35 -56.09 60.51
N HIS D 121 16.82 -56.61 59.40
CA HIS D 121 15.74 -55.97 58.66
C HIS D 121 16.15 -54.63 58.02
N GLU D 122 17.42 -54.49 57.65
CA GLU D 122 17.86 -53.25 57.03
C GLU D 122 17.76 -53.33 55.52
N THR D 123 16.58 -53.00 55.03
CA THR D 123 16.31 -53.06 53.60
C THR D 123 16.08 -51.71 52.96
N ASN D 124 16.75 -51.50 51.83
CA ASN D 124 16.60 -50.29 51.04
C ASN D 124 15.86 -50.77 49.81
N ALA D 125 14.91 -49.99 49.34
CA ALA D 125 14.16 -50.41 48.17
C ALA D 125 13.76 -49.25 47.30
N LEU D 126 13.69 -49.51 46.00
CA LEU D 126 13.26 -48.51 45.04
C LEU D 126 12.21 -49.16 44.17
N HIS D 127 11.13 -48.45 43.90
CA HIS D 127 10.07 -48.98 43.04
C HIS D 127 9.36 -47.91 42.24
N PHE D 128 9.26 -48.11 40.94
CA PHE D 128 8.53 -47.15 40.12
C PHE D 128 7.68 -47.93 39.13
N MET D 129 6.53 -47.36 38.79
CA MET D 129 5.61 -47.99 37.86
C MET D 129 4.99 -46.98 36.92
N PHE D 130 5.14 -47.20 35.62
CA PHE D 130 4.58 -46.33 34.59
C PHE D 130 3.51 -47.07 33.79
N ASN D 131 2.29 -46.56 33.80
CA ASN D 131 1.22 -47.19 33.03
C ASN D 131 0.80 -46.27 31.92
N GLN D 132 1.25 -45.02 32.01
CA GLN D 132 0.99 -44.03 30.99
C GLN D 132 2.07 -42.97 31.12
N PHE D 133 2.55 -42.45 29.99
CA PHE D 133 3.61 -41.47 30.03
C PHE D 133 3.09 -40.10 29.58
N SER D 134 3.46 -39.06 30.30
CA SER D 134 3.02 -37.71 29.96
C SER D 134 3.93 -37.09 28.92
N LYS D 135 3.46 -36.02 28.29
CA LYS D 135 4.27 -35.33 27.30
C LYS D 135 5.57 -34.91 27.97
N ASP D 136 5.44 -34.41 29.20
CA ASP D 136 6.60 -33.96 29.95
C ASP D 136 6.82 -34.87 31.16
N GLN D 137 7.62 -35.93 30.94
CA GLN D 137 7.94 -36.92 31.95
C GLN D 137 9.29 -36.59 32.60
N LYS D 138 9.26 -35.67 33.57
CA LYS D 138 10.47 -35.21 34.24
C LYS D 138 11.28 -36.24 35.02
N ASP D 139 10.73 -37.43 35.20
CA ASP D 139 11.49 -38.44 35.92
C ASP D 139 12.14 -39.45 34.97
N LEU D 140 12.12 -39.14 33.68
CA LEU D 140 12.73 -40.00 32.67
C LEU D 140 13.76 -39.22 31.88
N ILE D 141 14.84 -39.88 31.47
CA ILE D 141 15.85 -39.23 30.66
C ILE D 141 15.68 -39.78 29.25
N LEU D 142 15.22 -38.93 28.33
CA LEU D 142 15.01 -39.36 26.96
C LEU D 142 16.24 -39.06 26.10
N GLN D 143 16.77 -40.10 25.45
CA GLN D 143 17.95 -39.90 24.61
C GLN D 143 17.61 -40.29 23.17
N GLY D 144 18.31 -39.70 22.21
CA GLY D 144 18.05 -40.00 20.83
C GLY D 144 16.65 -39.59 20.41
N ASP D 145 16.01 -40.42 19.58
CA ASP D 145 14.67 -40.14 19.07
C ASP D 145 13.48 -40.46 20.00
N ALA D 146 13.77 -40.97 21.20
CA ALA D 146 12.73 -41.32 22.16
C ALA D 146 11.80 -40.14 22.47
N THR D 147 10.51 -40.40 22.61
CA THR D 147 9.53 -39.36 22.94
C THR D 147 8.40 -39.97 23.73
N THR D 148 7.68 -39.14 24.48
CA THR D 148 6.57 -39.62 25.30
C THR D 148 5.35 -38.76 25.07
N GLY D 149 4.20 -39.25 25.51
CA GLY D 149 2.95 -38.51 25.38
C GLY D 149 2.02 -38.96 24.27
N THR D 150 2.58 -39.61 23.25
CA THR D 150 1.77 -40.09 22.13
C THR D 150 0.80 -41.19 22.56
N ASP D 151 -0.39 -40.78 22.97
CA ASP D 151 -1.43 -41.70 23.42
C ASP D 151 -1.07 -42.29 24.77
N GLY D 152 -0.23 -41.58 25.52
CA GLY D 152 0.17 -42.06 26.84
C GLY D 152 1.24 -43.15 26.79
N ASN D 153 1.84 -43.35 25.62
CA ASN D 153 2.87 -44.36 25.47
C ASN D 153 4.26 -43.74 25.30
N LEU D 154 5.27 -44.60 25.31
CA LEU D 154 6.65 -44.17 25.11
C LEU D 154 7.16 -44.72 23.79
N GLU D 155 7.35 -43.85 22.80
CA GLU D 155 7.85 -44.26 21.50
C GLU D 155 9.37 -44.17 21.56
N LEU D 156 10.03 -45.31 21.53
CA LEU D 156 11.47 -45.33 21.61
C LEU D 156 12.16 -44.90 20.33
N THR D 157 11.48 -45.03 19.20
CA THR D 157 12.07 -44.63 17.91
C THR D 157 11.09 -43.80 17.06
N ARG D 158 11.62 -43.08 16.07
CA ARG D 158 10.82 -42.23 15.19
C ARG D 158 9.61 -42.88 14.55
N VAL D 159 8.48 -42.21 14.64
CA VAL D 159 7.23 -42.67 14.04
C VAL D 159 6.57 -41.46 13.38
N SER D 160 6.15 -41.61 12.13
CA SER D 160 5.50 -40.51 11.41
C SER D 160 4.23 -40.02 12.09
N SER D 161 3.67 -38.96 11.54
CA SER D 161 2.46 -38.32 12.05
C SER D 161 1.36 -39.23 12.63
N ASN D 162 1.28 -40.47 12.17
CA ASN D 162 0.22 -41.35 12.66
C ASN D 162 0.51 -42.84 12.85
N GLY D 163 1.77 -43.24 12.82
CA GLY D 163 2.02 -44.65 13.03
C GLY D 163 3.07 -45.34 12.20
N SER D 164 3.52 -44.71 11.10
CA SER D 164 4.54 -45.33 10.27
C SER D 164 5.93 -45.21 10.87
N PRO D 165 6.56 -46.35 11.17
CA PRO D 165 7.90 -46.35 11.76
C PRO D 165 8.94 -45.85 10.75
N GLN D 166 10.02 -45.27 11.25
CA GLN D 166 11.09 -44.74 10.41
C GLN D 166 12.36 -45.59 10.55
N GLY D 167 13.15 -45.65 9.49
CA GLY D 167 14.40 -46.39 9.50
C GLY D 167 15.52 -45.56 10.10
N SER D 168 16.65 -46.19 10.40
CA SER D 168 17.79 -45.50 10.99
C SER D 168 17.41 -44.60 12.16
N SER D 169 16.91 -45.20 13.22
CA SER D 169 16.51 -44.46 14.41
C SER D 169 16.98 -45.13 15.69
N VAL D 170 17.27 -44.34 16.73
CA VAL D 170 17.70 -44.86 18.01
C VAL D 170 17.17 -43.98 19.14
N GLY D 171 16.64 -44.63 20.17
CA GLY D 171 16.11 -43.90 21.30
C GLY D 171 16.24 -44.73 22.56
N ARG D 172 16.31 -44.05 23.70
CA ARG D 172 16.41 -44.71 24.98
C ARG D 172 15.67 -43.88 26.01
N ALA D 173 15.37 -44.52 27.13
CA ALA D 173 14.68 -43.86 28.22
C ALA D 173 15.27 -44.48 29.48
N LEU D 174 15.88 -43.64 30.31
CA LEU D 174 16.45 -44.14 31.56
C LEU D 174 15.68 -43.49 32.69
N PHE D 175 15.57 -44.20 33.81
CA PHE D 175 14.89 -43.64 34.98
C PHE D 175 15.83 -42.55 35.53
N TYR D 176 15.25 -41.44 35.95
CA TYR D 176 16.07 -40.33 36.43
C TYR D 176 17.02 -40.65 37.58
N ALA D 177 16.51 -41.29 38.63
CA ALA D 177 17.33 -41.59 39.79
C ALA D 177 18.28 -42.77 39.62
N PRO D 178 19.51 -42.66 40.16
CA PRO D 178 20.48 -43.74 40.07
C PRO D 178 19.99 -44.87 40.95
N VAL D 179 20.42 -46.09 40.66
CA VAL D 179 19.99 -47.24 41.43
C VAL D 179 21.15 -47.98 42.09
N HIS D 180 21.00 -48.30 43.37
CA HIS D 180 22.02 -49.03 44.10
C HIS D 180 21.67 -50.50 43.85
N ILE D 181 22.30 -51.09 42.85
CA ILE D 181 22.03 -52.46 42.43
C ILE D 181 22.73 -53.53 43.24
N TRP D 182 23.83 -53.19 43.90
CA TRP D 182 24.52 -54.17 44.73
C TRP D 182 25.42 -53.52 45.75
N GLU D 183 25.73 -54.28 46.81
CA GLU D 183 26.60 -53.81 47.87
C GLU D 183 27.39 -54.99 48.40
N SER D 184 28.50 -54.69 49.07
CA SER D 184 29.36 -55.74 49.62
C SER D 184 28.77 -56.36 50.88
N SER D 185 28.29 -55.52 51.78
CA SER D 185 27.70 -55.96 53.03
C SER D 185 26.22 -56.26 52.83
N ALA D 186 25.90 -56.91 51.72
CA ALA D 186 24.52 -57.25 51.39
C ALA D 186 24.24 -58.75 51.50
N VAL D 187 23.14 -59.08 52.17
CA VAL D 187 22.73 -60.47 52.36
C VAL D 187 21.96 -60.95 51.13
N VAL D 188 21.07 -60.08 50.64
CA VAL D 188 20.28 -60.40 49.46
C VAL D 188 20.01 -59.12 48.67
N ALA D 189 20.36 -59.15 47.40
CA ALA D 189 20.10 -58.02 46.50
C ALA D 189 19.31 -58.60 45.36
N SER D 190 18.19 -57.98 45.03
CA SER D 190 17.36 -58.47 43.94
C SER D 190 16.62 -57.35 43.24
N PHE D 191 16.30 -57.58 41.97
CA PHE D 191 15.56 -56.61 41.19
C PHE D 191 14.71 -57.33 40.16
N GLU D 192 13.62 -56.71 39.75
CA GLU D 192 12.77 -57.30 38.74
C GLU D 192 12.12 -56.20 37.93
N ALA D 193 12.19 -56.32 36.61
CA ALA D 193 11.63 -55.34 35.69
C ALA D 193 10.54 -55.96 34.81
N THR D 194 9.55 -55.16 34.44
CA THR D 194 8.46 -55.62 33.60
C THR D 194 8.03 -54.53 32.65
N PHE D 195 7.76 -54.88 31.40
CA PHE D 195 7.26 -53.89 30.46
C PHE D 195 6.45 -54.53 29.33
N THR D 196 5.38 -53.85 28.94
CA THR D 196 4.54 -54.34 27.87
C THR D 196 4.92 -53.53 26.63
N PHE D 197 5.00 -54.20 25.49
CA PHE D 197 5.41 -53.54 24.25
C PHE D 197 4.51 -53.87 23.09
N LEU D 198 4.64 -53.08 22.03
CA LEU D 198 3.87 -53.30 20.82
C LEU D 198 4.78 -53.01 19.63
N ILE D 199 5.37 -54.08 19.10
CA ILE D 199 6.24 -53.96 17.94
C ILE D 199 5.41 -54.19 16.68
N LYS D 200 5.37 -53.19 15.81
CA LYS D 200 4.57 -53.28 14.58
C LYS D 200 5.37 -52.85 13.35
N SER D 201 5.20 -53.60 12.28
CA SER D 201 5.87 -53.29 11.04
C SER D 201 4.83 -53.26 9.93
N PRO D 202 4.58 -52.07 9.35
CA PRO D 202 3.60 -51.92 8.25
C PRO D 202 3.87 -53.00 7.20
N ASP D 203 5.08 -52.99 6.66
CA ASP D 203 5.47 -54.02 5.71
C ASP D 203 5.72 -55.16 6.67
N SER D 204 5.55 -56.40 6.24
CA SER D 204 5.73 -57.52 7.15
C SER D 204 7.18 -57.90 7.47
N HIS D 205 8.07 -56.91 7.57
CA HIS D 205 9.49 -57.22 7.82
C HIS D 205 10.08 -56.27 8.88
N PRO D 206 10.12 -56.71 10.15
CA PRO D 206 10.67 -55.85 11.21
C PRO D 206 12.12 -55.95 11.59
N ALA D 207 12.56 -54.90 12.31
CA ALA D 207 13.93 -54.77 12.80
C ALA D 207 13.99 -53.40 13.48
N ASP D 208 14.69 -53.32 14.62
CA ASP D 208 15.81 -54.18 14.92
C ASP D 208 15.62 -54.81 16.30
N GLY D 209 14.84 -54.16 17.16
CA GLY D 209 14.63 -54.70 18.48
C GLY D 209 14.49 -53.71 19.60
N ILE D 210 14.19 -54.24 20.78
CA ILE D 210 14.02 -53.49 22.02
C ILE D 210 14.85 -54.17 23.08
N ALA D 211 15.40 -53.38 23.99
CA ALA D 211 16.24 -53.93 25.03
C ALA D 211 16.07 -53.25 26.38
N PHE D 212 16.16 -54.04 27.44
CA PHE D 212 16.10 -53.52 28.81
C PHE D 212 17.57 -53.53 29.22
N PHE D 213 18.08 -52.42 29.73
CA PHE D 213 19.48 -52.42 30.12
C PHE D 213 19.80 -51.76 31.44
N ILE D 214 21.02 -52.04 31.89
CA ILE D 214 21.56 -51.50 33.12
C ILE D 214 22.92 -50.99 32.71
N SER D 215 23.27 -49.79 33.14
CA SER D 215 24.56 -49.21 32.76
C SER D 215 25.06 -48.20 33.77
N ASN D 216 26.27 -47.70 33.53
CA ASN D 216 26.83 -46.68 34.40
C ASN D 216 25.92 -45.45 34.27
N ILE D 217 25.81 -44.69 35.35
CA ILE D 217 24.97 -43.51 35.40
C ILE D 217 25.04 -42.53 34.23
N ASP D 218 26.24 -42.28 33.71
CA ASP D 218 26.42 -41.33 32.61
C ASP D 218 26.29 -41.90 31.19
N SER D 219 25.80 -43.13 31.09
CA SER D 219 25.64 -43.75 29.78
C SER D 219 24.84 -42.92 28.78
N SER D 220 25.29 -42.95 27.53
CA SER D 220 24.60 -42.24 26.46
C SER D 220 24.73 -43.07 25.18
N ILE D 221 23.87 -42.80 24.21
CA ILE D 221 23.85 -43.54 22.96
C ILE D 221 25.19 -43.51 22.21
N PRO D 222 25.81 -44.69 22.04
CA PRO D 222 27.10 -44.82 21.35
C PRO D 222 26.99 -44.27 19.92
N SER D 223 28.10 -43.79 19.38
CA SER D 223 28.13 -43.24 18.03
C SER D 223 27.81 -44.31 16.98
N GLY D 224 26.79 -44.07 16.17
CA GLY D 224 26.40 -45.01 15.13
C GLY D 224 25.80 -46.34 15.56
N SER D 225 25.19 -46.35 16.75
CA SER D 225 24.61 -47.57 17.26
C SER D 225 23.17 -47.82 16.82
N THR D 226 22.80 -47.35 15.64
CA THR D 226 21.45 -47.62 15.16
C THR D 226 21.43 -49.05 14.61
N GLY D 227 20.29 -49.47 14.09
CA GLY D 227 20.18 -50.82 13.55
C GLY D 227 20.52 -51.96 14.49
N ARG D 228 21.32 -52.90 14.00
CA ARG D 228 21.73 -54.09 14.73
C ARG D 228 22.33 -53.86 16.13
N LEU D 229 22.83 -52.66 16.41
CA LEU D 229 23.45 -52.41 17.71
C LEU D 229 22.52 -51.98 18.83
N LEU D 230 21.23 -51.89 18.50
CA LEU D 230 20.19 -51.54 19.47
C LEU D 230 20.48 -50.35 20.38
N GLY D 231 21.28 -49.40 19.90
CA GLY D 231 21.61 -48.23 20.68
C GLY D 231 22.33 -48.54 21.98
N LEU D 232 22.98 -49.71 22.05
CA LEU D 232 23.67 -50.11 23.26
C LEU D 232 25.18 -50.24 23.14
N PHE D 233 25.67 -50.76 22.01
CA PHE D 233 27.11 -50.94 21.84
C PHE D 233 27.69 -50.16 20.67
N PRO D 234 28.96 -49.73 20.78
CA PRO D 234 29.69 -48.96 19.77
C PRO D 234 30.15 -49.78 18.57
N ASP D 235 30.26 -51.09 18.75
CA ASP D 235 30.66 -51.97 17.66
C ASP D 235 30.06 -53.36 17.84
N ALA D 236 30.36 -54.27 16.93
CA ALA D 236 29.80 -55.62 16.99
C ALA D 236 30.72 -56.66 17.61
N ASN D 237 31.81 -56.20 18.22
CA ASN D 237 32.77 -57.10 18.86
C ASN D 237 32.11 -57.79 20.04
N MET E 1 -11.40 44.09 -8.05
CA MET E 1 -11.49 44.00 -6.57
C MET E 1 -10.16 43.99 -5.83
N TYR E 2 -9.21 44.83 -6.22
CA TYR E 2 -7.99 44.88 -5.43
C TYR E 2 -8.66 45.84 -4.50
N TRP E 3 -9.23 46.88 -5.12
CA TRP E 3 -9.99 47.90 -4.44
C TRP E 3 -10.53 48.97 -5.43
N TYR E 4 -11.48 49.83 -4.98
CA TYR E 4 -12.11 50.83 -5.84
C TYR E 4 -12.95 51.97 -5.23
N PRO E 5 -12.74 53.24 -5.70
CA PRO E 5 -13.44 54.48 -5.27
C PRO E 5 -15.00 54.40 -5.31
N TYR E 6 -15.73 55.26 -4.54
CA TYR E 6 -17.21 55.17 -4.50
C TYR E 6 -17.56 53.88 -5.23
N ALA E 7 -17.74 52.81 -4.44
CA ALA E 7 -17.93 51.48 -5.05
C ALA E 7 -19.04 50.48 -4.68
N SER E 8 -18.51 49.31 -4.32
CA SER E 8 -19.12 48.01 -3.91
C SER E 8 -20.58 47.61 -4.09
N GLY E 9 -20.75 46.61 -4.97
CA GLY E 9 -22.01 45.99 -5.22
C GLY E 9 -22.24 45.14 -3.96
N SER E 10 -23.45 45.24 -3.47
CA SER E 10 -23.91 44.55 -2.27
C SER E 10 -22.80 44.26 -1.22
N MET F 1 -31.03 33.03 -75.55
CA MET F 1 -30.28 34.26 -75.89
C MET F 1 -28.84 34.11 -75.45
N TYR F 2 -27.95 34.87 -76.08
CA TYR F 2 -26.52 34.84 -75.72
C TYR F 2 -25.97 33.46 -75.39
N TRP F 3 -26.48 32.34 -75.92
CA TRP F 3 -25.89 31.07 -75.39
C TRP F 3 -24.40 30.89 -75.67
N TYR F 4 -24.06 29.74 -75.10
CA TYR F 4 -22.79 29.07 -74.98
C TYR F 4 -22.11 28.31 -76.08
N PRO F 5 -20.95 27.73 -75.71
CA PRO F 5 -19.99 26.93 -76.47
C PRO F 5 -20.59 25.50 -76.57
N TYR F 6 -20.20 24.64 -75.62
CA TYR F 6 -20.65 23.27 -75.68
C TYR F 6 -21.47 22.61 -74.54
N ALA F 7 -21.26 22.82 -73.22
CA ALA F 7 -22.15 22.13 -72.25
C ALA F 7 -23.62 22.65 -72.19
N SER F 8 -24.60 21.73 -72.16
CA SER F 8 -26.06 22.04 -72.12
C SER F 8 -26.59 23.16 -71.22
N GLY F 9 -27.85 23.53 -71.46
CA GLY F 9 -28.50 24.58 -70.70
C GLY F 9 -29.65 25.24 -71.47
N SER F 10 -30.30 26.23 -70.85
CA SER F 10 -31.41 26.92 -71.49
C SER F 10 -31.01 28.26 -72.11
N MET G 1 20.19 -44.56 77.83
CA MET G 1 19.19 -43.44 77.74
C MET G 1 19.70 -42.20 78.49
N TYR G 2 19.73 -41.05 77.81
CA TYR G 2 20.23 -39.81 78.43
C TYR G 2 19.21 -38.93 79.21
N TRP G 3 18.44 -38.03 78.56
CA TRP G 3 17.46 -37.20 79.31
C TRP G 3 16.50 -36.26 78.53
N TYR G 4 15.41 -35.79 79.18
CA TYR G 4 14.40 -34.90 78.56
C TYR G 4 13.36 -34.17 79.47
N PRO G 5 12.96 -32.92 79.09
CA PRO G 5 12.02 -31.95 79.70
C PRO G 5 10.51 -32.21 80.00
N TYR G 6 9.85 -31.11 80.41
CA TYR G 6 8.45 -30.96 80.89
C TYR G 6 7.41 -32.07 81.05
N ALA G 7 6.77 -32.00 82.23
CA ALA G 7 5.74 -32.91 82.70
C ALA G 7 6.20 -34.34 82.77
N SER G 8 5.22 -35.23 82.94
CA SER G 8 5.46 -36.66 83.01
C SER G 8 4.67 -37.32 81.88
N GLY G 9 3.95 -36.46 81.15
CA GLY G 9 3.13 -36.89 80.04
C GLY G 9 3.76 -37.73 78.96
N SER G 10 2.95 -38.11 77.98
CA SER G 10 3.38 -38.95 76.89
C SER G 10 3.59 -38.17 75.58
N MET H 1 -5.21 -58.59 12.77
CA MET H 1 -4.94 -57.25 12.18
C MET H 1 -3.44 -56.95 12.23
N TYR H 2 -3.00 -56.08 11.33
CA TYR H 2 -1.60 -55.66 11.26
C TYR H 2 -0.57 -56.77 11.45
N TRP H 3 -0.93 -58.03 11.23
CA TRP H 3 0.03 -59.13 11.45
C TRP H 3 1.46 -58.93 11.01
N TYR H 4 2.22 -59.91 11.47
CA TYR H 4 3.66 -60.10 11.33
C TYR H 4 4.20 -60.78 10.08
N PRO H 5 5.52 -60.98 10.08
CA PRO H 5 6.35 -61.63 9.06
C PRO H 5 6.20 -63.13 9.16
N TYR H 6 7.14 -63.75 9.86
CA TYR H 6 7.16 -65.21 10.02
C TYR H 6 7.47 -65.60 11.47
N ALA H 7 6.71 -66.48 12.11
CA ALA H 7 7.06 -66.83 13.50
C ALA H 7 6.02 -67.73 14.17
N SER H 8 4.84 -67.17 14.43
CA SER H 8 3.76 -67.92 15.08
C SER H 8 2.39 -67.85 14.40
N GLY H 9 1.34 -67.72 15.21
CA GLY H 9 -0.02 -67.66 14.71
C GLY H 9 -0.85 -66.43 15.05
N SER H 10 -1.67 -66.53 16.08
CA SER H 10 -2.55 -65.43 16.49
C SER H 10 -3.31 -64.80 15.30
#